data_5J8T
#
_entry.id   5J8T
#
loop_
_entity.id
_entity.type
_entity.pdbx_description
1 polymer 'Choline binding protein'
2 non-polymer 'CALCIUM ION'
#
_entity_poly.entity_id   1
_entity_poly.type   'polypeptide(L)'
_entity_poly.pdbx_seq_one_letter_code
;GASEENIHFSSCKEAWANGYSDIHEGEPGYSAKLDRDHDGVACELKN
;
_entity_poly.pdbx_strand_id   A
#
loop_
_chem_comp.id
_chem_comp.type
_chem_comp.name
_chem_comp.formula
CA non-polymer 'CALCIUM ION' 'Ca 2'
#
# COMPACT_ATOMS: atom_id res chain seq x y z
N GLY A 1 14.99 9.81 -1.97
CA GLY A 1 14.51 8.88 -0.93
C GLY A 1 12.99 8.87 -0.85
N ALA A 2 12.35 7.76 -1.24
CA ALA A 2 10.90 7.58 -1.28
C ALA A 2 10.28 7.29 0.12
N SER A 3 10.49 8.19 1.09
CA SER A 3 9.85 8.12 2.41
C SER A 3 8.31 8.20 2.33
N GLU A 4 7.62 7.61 3.31
CA GLU A 4 6.16 7.74 3.46
C GLU A 4 5.77 9.16 3.94
N GLU A 5 4.83 9.80 3.26
CA GLU A 5 4.39 11.19 3.53
C GLU A 5 2.86 11.32 3.45
N ASN A 6 2.15 10.61 4.35
CA ASN A 6 0.68 10.63 4.50
C ASN A 6 -0.09 10.20 3.22
N ILE A 7 0.53 9.36 2.40
CA ILE A 7 -0.03 8.82 1.15
C ILE A 7 -1.31 8.00 1.44
N HIS A 8 -2.31 8.19 0.60
CA HIS A 8 -3.64 7.59 0.71
C HIS A 8 -4.16 7.19 -0.69
N PHE A 9 -4.18 5.88 -0.96
CA PHE A 9 -4.71 5.33 -2.22
C PHE A 9 -6.15 4.87 -2.03
N SER A 10 -7.03 5.22 -2.99
CA SER A 10 -8.44 4.79 -3.01
C SER A 10 -8.60 3.27 -3.17
N SER A 11 -7.64 2.61 -3.82
CA SER A 11 -7.56 1.15 -4.01
C SER A 11 -6.17 0.73 -4.48
N CYS A 12 -5.75 -0.51 -4.18
CA CYS A 12 -4.57 -1.15 -4.78
C CYS A 12 -4.56 -1.14 -6.32
N LYS A 13 -5.71 -1.04 -6.99
CA LYS A 13 -5.77 -0.91 -8.47
C LYS A 13 -5.02 0.33 -8.97
N GLU A 14 -5.15 1.46 -8.26
CA GLU A 14 -4.42 2.69 -8.56
C GLU A 14 -2.92 2.59 -8.17
N ALA A 15 -2.61 1.87 -7.09
CA ALA A 15 -1.24 1.61 -6.66
C ALA A 15 -0.47 0.79 -7.72
N TRP A 16 -1.05 -0.31 -8.23
CA TRP A 16 -0.47 -1.12 -9.30
C TRP A 16 -0.24 -0.36 -10.61
N ALA A 17 -1.11 0.60 -10.96
CA ALA A 17 -0.91 1.49 -12.11
C ALA A 17 0.35 2.39 -12.00
N ASN A 18 0.86 2.58 -10.77
CA ASN A 18 2.11 3.29 -10.46
C ASN A 18 3.29 2.34 -10.15
N GLY A 19 3.08 1.02 -10.25
CA GLY A 19 4.09 -0.01 -9.97
C GLY A 19 4.26 -0.36 -8.48
N TYR A 20 3.35 0.10 -7.61
CA TYR A 20 3.39 -0.18 -6.17
C TYR A 20 2.84 -1.59 -5.89
N SER A 21 3.75 -2.55 -5.74
CA SER A 21 3.47 -3.96 -5.42
C SER A 21 4.45 -4.51 -4.39
N ASP A 22 4.08 -5.62 -3.72
CA ASP A 22 4.85 -6.24 -2.62
C ASP A 22 5.34 -5.23 -1.56
N ILE A 23 4.45 -4.30 -1.17
CA ILE A 23 4.74 -3.25 -0.19
C ILE A 23 5.11 -3.89 1.17
N HIS A 24 6.29 -3.53 1.70
CA HIS A 24 6.79 -3.93 3.03
C HIS A 24 6.57 -2.84 4.09
N GLU A 25 6.85 -3.16 5.35
CA GLU A 25 6.83 -2.20 6.47
C GLU A 25 7.64 -0.91 6.17
N GLY A 26 7.06 0.25 6.49
CA GLY A 26 7.65 1.57 6.26
C GLY A 26 7.39 2.18 4.87
N GLU A 27 6.86 1.41 3.91
CA GLU A 27 6.39 1.93 2.62
C GLU A 27 4.89 2.32 2.67
N PRO A 28 4.45 3.28 1.83
CA PRO A 28 3.07 3.75 1.80
C PRO A 28 2.10 2.67 1.35
N GLY A 29 1.10 2.39 2.18
CA GLY A 29 0.05 1.40 1.91
C GLY A 29 0.18 0.10 2.71
N TYR A 30 1.29 -0.12 3.43
CA TYR A 30 1.45 -1.28 4.33
C TYR A 30 0.32 -1.41 5.38
N SER A 31 -0.28 -0.28 5.76
CA SER A 31 -1.33 -0.18 6.78
C SER A 31 -2.64 -0.88 6.38
N ALA A 32 -3.46 -1.21 7.39
CA ALA A 32 -4.84 -1.72 7.21
C ALA A 32 -5.75 -0.82 6.35
N LYS A 33 -5.41 0.48 6.25
CA LYS A 33 -6.07 1.50 5.41
C LYS A 33 -6.03 1.20 3.89
N LEU A 34 -5.14 0.30 3.46
CA LEU A 34 -4.98 -0.13 2.07
C LEU A 34 -5.29 -1.63 1.88
N ASP A 35 -4.76 -2.47 2.77
CA ASP A 35 -4.89 -3.93 2.72
C ASP A 35 -6.04 -4.40 3.61
N ARG A 36 -7.22 -4.66 3.01
CA ARG A 36 -8.47 -5.03 3.69
C ARG A 36 -8.34 -6.22 4.67
N ASP A 37 -7.48 -7.17 4.34
CA ASP A 37 -7.17 -8.38 5.10
C ASP A 37 -6.04 -8.19 6.15
N HIS A 38 -5.41 -7.01 6.18
CA HIS A 38 -4.26 -6.58 7.01
C HIS A 38 -3.27 -7.71 7.38
N ASP A 39 -2.74 -8.40 6.36
CA ASP A 39 -1.81 -9.54 6.52
C ASP A 39 -0.32 -9.15 6.47
N GLY A 40 0.01 -7.86 6.70
CA GLY A 40 1.39 -7.36 6.77
C GLY A 40 2.08 -7.19 5.40
N VAL A 41 1.30 -7.16 4.33
CA VAL A 41 1.72 -6.91 2.94
C VAL A 41 0.62 -6.08 2.27
N ALA A 42 0.94 -5.27 1.27
CA ALA A 42 -0.07 -4.52 0.51
C ALA A 42 0.18 -4.58 -1.00
N CYS A 43 -0.92 -4.66 -1.76
CA CYS A 43 -0.95 -4.84 -3.22
C CYS A 43 0.01 -5.95 -3.70
N GLU A 44 -0.03 -7.10 -3.01
CA GLU A 44 0.82 -8.28 -3.27
C GLU A 44 0.67 -8.85 -4.69
N LEU A 45 1.80 -9.22 -5.30
CA LEU A 45 1.88 -9.67 -6.71
C LEU A 45 2.86 -10.87 -6.82
N LYS A 46 2.81 -11.75 -5.82
CA LYS A 46 3.64 -12.96 -5.67
C LYS A 46 2.92 -14.18 -6.29
N ASN A 47 2.77 -14.14 -7.62
CA ASN A 47 2.06 -15.12 -8.45
C ASN A 47 0.60 -15.37 -8.01
CA CA B . -3.01 -8.82 1.82
N GLY A 1 14.78 13.92 9.98
CA GLY A 1 14.26 15.30 9.80
C GLY A 1 12.81 15.31 9.37
N ALA A 2 12.25 16.51 9.17
CA ALA A 2 10.85 16.70 8.74
C ALA A 2 10.57 16.13 7.33
N SER A 3 9.47 15.38 7.18
CA SER A 3 9.03 14.69 5.96
C SER A 3 7.49 14.56 5.90
N GLU A 4 6.94 14.12 4.77
CA GLU A 4 5.50 14.07 4.48
C GLU A 4 5.08 12.75 3.78
N GLU A 5 5.40 11.62 4.42
CA GLU A 5 5.07 10.24 4.00
C GLU A 5 3.57 9.86 4.08
N ASN A 6 2.67 10.84 4.22
CA ASN A 6 1.22 10.72 4.42
C ASN A 6 0.41 10.27 3.16
N ILE A 7 0.98 9.39 2.34
CA ILE A 7 0.32 8.82 1.14
C ILE A 7 -1.00 8.11 1.49
N HIS A 8 -2.03 8.34 0.66
CA HIS A 8 -3.35 7.70 0.74
C HIS A 8 -3.83 7.30 -0.66
N PHE A 9 -3.92 6.00 -0.93
CA PHE A 9 -4.51 5.43 -2.15
C PHE A 9 -5.97 4.99 -1.90
N SER A 10 -6.86 5.25 -2.85
CA SER A 10 -8.26 4.78 -2.80
C SER A 10 -8.40 3.26 -3.00
N SER A 11 -7.45 2.63 -3.72
CA SER A 11 -7.38 1.18 -3.96
C SER A 11 -5.99 0.75 -4.46
N CYS A 12 -5.62 -0.51 -4.23
CA CYS A 12 -4.47 -1.16 -4.88
C CYS A 12 -4.54 -1.13 -6.42
N LYS A 13 -5.72 -0.98 -7.04
CA LYS A 13 -5.88 -0.80 -8.50
C LYS A 13 -5.11 0.41 -9.03
N GLU A 14 -5.10 1.52 -8.29
CA GLU A 14 -4.34 2.73 -8.61
C GLU A 14 -2.84 2.59 -8.26
N ALA A 15 -2.53 1.86 -7.19
CA ALA A 15 -1.15 1.55 -6.80
C ALA A 15 -0.43 0.68 -7.85
N TRP A 16 -1.06 -0.41 -8.33
CA TRP A 16 -0.53 -1.28 -9.39
C TRP A 16 -0.28 -0.54 -10.71
N ALA A 17 -1.11 0.45 -11.07
CA ALA A 17 -0.89 1.31 -12.24
C ALA A 17 0.39 2.18 -12.16
N ASN A 18 0.89 2.42 -10.94
CA ASN A 18 2.16 3.09 -10.65
C ASN A 18 3.31 2.10 -10.36
N GLY A 19 3.07 0.79 -10.48
CA GLY A 19 4.04 -0.28 -10.23
C GLY A 19 4.20 -0.68 -8.76
N TYR A 20 3.41 -0.10 -7.84
CA TYR A 20 3.46 -0.41 -6.41
C TYR A 20 2.91 -1.82 -6.16
N SER A 21 3.80 -2.74 -5.78
CA SER A 21 3.52 -4.16 -5.52
C SER A 21 4.47 -4.74 -4.48
N ASP A 22 4.08 -5.86 -3.87
CA ASP A 22 4.83 -6.55 -2.79
C ASP A 22 5.27 -5.61 -1.64
N ILE A 23 4.42 -4.63 -1.30
CA ILE A 23 4.69 -3.61 -0.27
C ILE A 23 5.01 -4.29 1.08
N HIS A 24 6.14 -3.93 1.68
CA HIS A 24 6.57 -4.37 3.01
C HIS A 24 6.38 -3.27 4.08
N GLU A 25 6.61 -3.60 5.34
CA GLU A 25 6.59 -2.65 6.47
C GLU A 25 7.41 -1.39 6.18
N GLY A 26 6.84 -0.22 6.49
CA GLY A 26 7.43 1.10 6.25
C GLY A 26 7.12 1.73 4.89
N GLU A 27 6.72 0.94 3.87
CA GLU A 27 6.25 1.47 2.59
C GLU A 27 4.78 1.96 2.65
N PRO A 28 4.39 2.89 1.77
CA PRO A 28 3.01 3.40 1.70
C PRO A 28 2.02 2.31 1.28
N GLY A 29 0.99 2.10 2.10
CA GLY A 29 -0.09 1.14 1.85
C GLY A 29 0.01 -0.16 2.65
N TYR A 30 1.10 -0.40 3.39
CA TYR A 30 1.23 -1.54 4.31
C TYR A 30 0.13 -1.58 5.40
N SER A 31 -0.43 -0.41 5.74
CA SER A 31 -1.47 -0.24 6.76
C SER A 31 -2.81 -0.87 6.39
N ALA A 32 -3.61 -1.18 7.41
CA ALA A 32 -5.00 -1.65 7.28
C ALA A 32 -5.92 -0.70 6.46
N LYS A 33 -5.54 0.57 6.33
CA LYS A 33 -6.21 1.58 5.47
C LYS A 33 -6.22 1.21 3.98
N LEU A 34 -5.28 0.37 3.53
CA LEU A 34 -5.18 -0.13 2.15
C LEU A 34 -5.48 -1.63 2.09
N ASP A 35 -4.89 -2.40 3.01
CA ASP A 35 -4.93 -3.86 3.00
C ASP A 35 -6.07 -4.39 3.88
N ARG A 36 -7.24 -4.64 3.28
CA ARG A 36 -8.47 -5.13 3.95
C ARG A 36 -8.26 -6.34 4.88
N ASP A 37 -7.30 -7.20 4.54
CA ASP A 37 -6.93 -8.42 5.26
C ASP A 37 -5.80 -8.21 6.30
N HIS A 38 -5.17 -7.04 6.31
CA HIS A 38 -3.99 -6.62 7.11
C HIS A 38 -2.99 -7.75 7.43
N ASP A 39 -2.60 -8.52 6.42
CA ASP A 39 -1.68 -9.67 6.55
C ASP A 39 -0.19 -9.28 6.51
N GLY A 40 0.13 -7.98 6.54
CA GLY A 40 1.49 -7.44 6.46
C GLY A 40 2.04 -7.37 5.03
N VAL A 41 1.20 -7.54 4.00
CA VAL A 41 1.55 -7.36 2.59
C VAL A 41 0.42 -6.65 1.87
N ALA A 42 0.75 -5.59 1.13
CA ALA A 42 -0.23 -4.82 0.37
C ALA A 42 0.08 -4.84 -1.13
N CYS A 43 -0.99 -4.85 -1.93
CA CYS A 43 -0.99 -4.97 -3.39
C CYS A 43 -0.11 -6.16 -3.89
N GLU A 44 -0.13 -7.29 -3.18
CA GLU A 44 0.53 -8.55 -3.53
C GLU A 44 0.16 -9.12 -4.93
N LEU A 45 1.10 -9.84 -5.59
CA LEU A 45 0.86 -10.57 -6.85
C LEU A 45 1.09 -12.09 -6.71
N LYS A 46 2.15 -12.52 -6.02
CA LYS A 46 2.45 -13.93 -5.72
C LYS A 46 1.31 -14.59 -4.92
N ASN A 47 0.63 -15.58 -5.53
CA ASN A 47 -0.49 -16.32 -4.93
C ASN A 47 -0.09 -17.16 -3.70
CA CA B . -2.70 -8.46 2.01
N GLY A 1 3.75 22.99 15.06
CA GLY A 1 3.77 22.62 13.63
C GLY A 1 3.65 21.11 13.46
N ALA A 2 3.09 20.66 12.32
CA ALA A 2 2.92 19.25 11.97
C ALA A 2 3.27 18.99 10.49
N SER A 3 3.85 17.82 10.20
CA SER A 3 4.30 17.43 8.86
C SER A 3 3.16 17.05 7.91
N GLU A 4 2.24 16.21 8.38
CA GLU A 4 1.11 15.61 7.62
C GLU A 4 1.51 15.13 6.20
N GLU A 5 2.71 14.55 6.06
CA GLU A 5 3.30 14.13 4.78
C GLU A 5 3.38 12.60 4.72
N ASN A 6 2.31 11.95 4.24
CA ASN A 6 2.24 10.51 4.06
C ASN A 6 1.41 10.12 2.82
N ILE A 7 1.78 9.02 2.16
CA ILE A 7 1.12 8.53 0.93
C ILE A 7 -0.24 7.89 1.28
N HIS A 8 -1.28 8.24 0.50
CA HIS A 8 -2.65 7.75 0.65
C HIS A 8 -3.25 7.35 -0.71
N PHE A 9 -3.12 6.07 -1.06
CA PHE A 9 -3.81 5.46 -2.20
C PHE A 9 -5.28 5.17 -1.87
N SER A 10 -6.20 5.51 -2.78
CA SER A 10 -7.64 5.20 -2.63
C SER A 10 -7.95 3.70 -2.78
N SER A 11 -7.20 2.99 -3.64
CA SER A 11 -7.31 1.55 -3.92
C SER A 11 -5.98 1.00 -4.46
N CYS A 12 -5.70 -0.29 -4.23
CA CYS A 12 -4.57 -1.01 -4.85
C CYS A 12 -4.58 -0.99 -6.40
N LYS A 13 -5.74 -0.81 -7.05
CA LYS A 13 -5.85 -0.59 -8.51
C LYS A 13 -4.98 0.57 -9.01
N GLU A 14 -4.92 1.66 -8.25
CA GLU A 14 -4.09 2.83 -8.58
C GLU A 14 -2.60 2.56 -8.31
N ALA A 15 -2.28 1.80 -7.25
CA ALA A 15 -0.93 1.39 -6.92
C ALA A 15 -0.33 0.41 -7.96
N TRP A 16 -1.08 -0.62 -8.37
CA TRP A 16 -0.70 -1.57 -9.42
C TRP A 16 -0.42 -0.90 -10.77
N ALA A 17 -1.19 0.14 -11.14
CA ALA A 17 -0.94 0.93 -12.36
C ALA A 17 0.40 1.70 -12.34
N ASN A 18 0.95 1.96 -11.14
CA ASN A 18 2.28 2.55 -10.93
C ASN A 18 3.38 1.49 -10.67
N GLY A 19 3.04 0.19 -10.69
CA GLY A 19 3.97 -0.92 -10.44
C GLY A 19 4.22 -1.22 -8.94
N TYR A 20 3.40 -0.68 -8.05
CA TYR A 20 3.50 -0.90 -6.59
C TYR A 20 2.84 -2.26 -6.25
N SER A 21 3.66 -3.29 -6.09
CA SER A 21 3.26 -4.67 -5.78
C SER A 21 4.25 -5.32 -4.80
N ASP A 22 3.81 -6.38 -4.10
CA ASP A 22 4.55 -7.03 -3.00
C ASP A 22 5.11 -6.01 -1.97
N ILE A 23 4.28 -5.03 -1.57
CA ILE A 23 4.59 -4.02 -0.55
C ILE A 23 4.93 -4.74 0.77
N HIS A 24 6.08 -4.40 1.36
CA HIS A 24 6.54 -4.88 2.67
C HIS A 24 6.48 -3.76 3.72
N GLU A 25 6.76 -4.09 4.99
CA GLU A 25 6.84 -3.11 6.08
C GLU A 25 7.72 -1.90 5.74
N GLY A 26 7.22 -0.71 6.04
CA GLY A 26 7.89 0.58 5.75
C GLY A 26 7.58 1.17 4.36
N GLU A 27 7.17 0.36 3.38
CA GLU A 27 6.65 0.87 2.10
C GLU A 27 5.21 1.40 2.23
N PRO A 28 4.79 2.35 1.36
CA PRO A 28 3.46 2.95 1.41
C PRO A 28 2.37 1.94 1.06
N GLY A 29 1.32 1.90 1.88
CA GLY A 29 0.16 1.01 1.69
C GLY A 29 0.23 -0.29 2.49
N TYR A 30 1.33 -0.58 3.19
CA TYR A 30 1.43 -1.72 4.13
C TYR A 30 0.38 -1.68 5.26
N SER A 31 -0.10 -0.47 5.60
CA SER A 31 -1.07 -0.24 6.68
C SER A 31 -2.45 -0.86 6.38
N ALA A 32 -3.21 -1.13 7.45
CA ALA A 32 -4.61 -1.55 7.37
C ALA A 32 -5.52 -0.59 6.57
N LYS A 33 -5.09 0.68 6.40
CA LYS A 33 -5.74 1.71 5.57
C LYS A 33 -5.83 1.35 4.07
N LEU A 34 -4.97 0.46 3.59
CA LEU A 34 -4.94 -0.03 2.21
C LEU A 34 -5.29 -1.52 2.14
N ASP A 35 -4.74 -2.31 3.06
CA ASP A 35 -4.84 -3.76 3.08
C ASP A 35 -5.94 -4.20 4.05
N ARG A 36 -7.17 -4.39 3.54
CA ARG A 36 -8.39 -4.80 4.29
C ARG A 36 -8.19 -6.00 5.23
N ASP A 37 -7.31 -6.93 4.84
CA ASP A 37 -6.95 -8.14 5.59
C ASP A 37 -5.76 -7.97 6.55
N HIS A 38 -5.04 -6.84 6.45
CA HIS A 38 -3.78 -6.48 7.13
C HIS A 38 -2.85 -7.66 7.45
N ASP A 39 -2.60 -8.53 6.46
CA ASP A 39 -1.73 -9.71 6.57
C ASP A 39 -0.21 -9.39 6.44
N GLY A 40 0.15 -8.10 6.42
CA GLY A 40 1.53 -7.63 6.25
C GLY A 40 1.99 -7.57 4.80
N VAL A 41 1.08 -7.76 3.82
CA VAL A 41 1.37 -7.64 2.39
C VAL A 41 0.25 -6.86 1.73
N ALA A 42 0.60 -5.80 1.01
CA ALA A 42 -0.35 -4.96 0.30
C ALA A 42 -0.10 -4.99 -1.22
N CYS A 43 -1.20 -4.89 -1.98
CA CYS A 43 -1.24 -5.02 -3.44
C CYS A 43 -0.44 -6.24 -3.96
N GLU A 44 -0.60 -7.40 -3.30
CA GLU A 44 0.04 -8.68 -3.65
C GLU A 44 -0.28 -9.17 -5.08
N LEU A 45 0.72 -9.70 -5.78
CA LEU A 45 0.60 -10.32 -7.12
C LEU A 45 1.11 -11.77 -7.18
N LYS A 46 2.24 -12.09 -6.51
CA LYS A 46 2.93 -13.39 -6.63
C LYS A 46 2.12 -14.57 -6.08
N ASN A 47 1.38 -14.28 -5.00
CA ASN A 47 0.51 -15.17 -4.21
C ASN A 47 1.02 -16.63 -4.11
CA CA B . -2.95 -8.50 2.10
N GLY A 1 3.80 9.57 16.05
CA GLY A 1 2.57 9.84 15.25
C GLY A 1 2.57 11.27 14.73
N ALA A 2 2.75 11.44 13.42
CA ALA A 2 2.76 12.74 12.74
C ALA A 2 2.30 12.61 11.26
N SER A 3 2.18 13.75 10.57
CA SER A 3 1.71 13.86 9.18
C SER A 3 2.81 14.50 8.31
N GLU A 4 3.64 13.66 7.69
CA GLU A 4 4.84 14.04 6.95
C GLU A 4 4.75 13.62 5.47
N GLU A 5 3.75 14.18 4.77
CA GLU A 5 3.38 13.86 3.39
C GLU A 5 2.97 12.37 3.21
N ASN A 6 2.26 11.82 4.20
CA ASN A 6 1.72 10.45 4.22
C ASN A 6 0.93 10.12 2.93
N ILE A 7 1.36 9.07 2.23
CA ILE A 7 0.71 8.57 1.01
C ILE A 7 -0.62 7.88 1.36
N HIS A 8 -1.67 8.24 0.63
CA HIS A 8 -3.03 7.69 0.73
C HIS A 8 -3.53 7.26 -0.65
N PHE A 9 -3.53 5.95 -0.92
CA PHE A 9 -4.14 5.37 -2.12
C PHE A 9 -5.61 5.00 -1.85
N SER A 10 -6.49 5.33 -2.79
CA SER A 10 -7.91 4.95 -2.74
C SER A 10 -8.12 3.43 -2.86
N SER A 11 -7.23 2.73 -3.57
CA SER A 11 -7.22 1.27 -3.73
C SER A 11 -5.89 0.76 -4.30
N CYS A 12 -5.58 -0.54 -4.11
CA CYS A 12 -4.49 -1.22 -4.79
C CYS A 12 -4.57 -1.21 -6.33
N LYS A 13 -5.76 -1.02 -6.93
CA LYS A 13 -5.91 -0.90 -8.39
C LYS A 13 -5.14 0.31 -8.94
N GLU A 14 -5.16 1.42 -8.21
CA GLU A 14 -4.39 2.63 -8.54
C GLU A 14 -2.89 2.45 -8.27
N ALA A 15 -2.54 1.69 -7.22
CA ALA A 15 -1.15 1.36 -6.88
C ALA A 15 -0.47 0.51 -7.96
N TRP A 16 -1.11 -0.56 -8.45
CA TRP A 16 -0.59 -1.40 -9.54
C TRP A 16 -0.35 -0.63 -10.84
N ALA A 17 -1.18 0.37 -11.17
CA ALA A 17 -0.97 1.25 -12.34
C ALA A 17 0.33 2.10 -12.25
N ASN A 18 0.85 2.32 -11.03
CA ASN A 18 2.12 2.98 -10.75
C ASN A 18 3.28 1.97 -10.50
N GLY A 19 3.02 0.66 -10.62
CA GLY A 19 4.00 -0.41 -10.37
C GLY A 19 4.21 -0.76 -8.89
N TYR A 20 3.33 -0.28 -7.99
CA TYR A 20 3.40 -0.58 -6.55
C TYR A 20 2.81 -1.96 -6.27
N SER A 21 3.66 -2.91 -5.90
CA SER A 21 3.33 -4.32 -5.64
C SER A 21 4.27 -4.95 -4.62
N ASP A 22 3.81 -6.05 -3.98
CA ASP A 22 4.53 -6.76 -2.91
C ASP A 22 5.08 -5.83 -1.79
N ILE A 23 4.30 -4.81 -1.42
CA ILE A 23 4.66 -3.79 -0.41
C ILE A 23 4.99 -4.47 0.93
N HIS A 24 6.18 -4.18 1.48
CA HIS A 24 6.66 -4.64 2.79
C HIS A 24 6.50 -3.56 3.87
N GLU A 25 6.81 -3.88 5.13
CA GLU A 25 6.83 -2.92 6.24
C GLU A 25 7.66 -1.65 5.93
N GLY A 26 7.15 -0.49 6.34
CA GLY A 26 7.76 0.82 6.10
C GLY A 26 7.44 1.45 4.74
N GLU A 27 7.02 0.67 3.73
CA GLU A 27 6.54 1.19 2.44
C GLU A 27 5.08 1.69 2.52
N PRO A 28 4.68 2.62 1.64
CA PRO A 28 3.33 3.20 1.62
C PRO A 28 2.28 2.16 1.24
N GLY A 29 1.26 2.00 2.09
CA GLY A 29 0.14 1.08 1.86
C GLY A 29 0.23 -0.24 2.63
N TYR A 30 1.32 -0.52 3.33
CA TYR A 30 1.45 -1.67 4.25
C TYR A 30 0.36 -1.68 5.34
N SER A 31 -0.12 -0.50 5.72
CA SER A 31 -1.14 -0.28 6.76
C SER A 31 -2.52 -0.84 6.38
N ALA A 32 -3.32 -1.16 7.41
CA ALA A 32 -4.72 -1.60 7.28
C ALA A 32 -5.63 -0.63 6.50
N LYS A 33 -5.22 0.65 6.40
CA LYS A 33 -5.81 1.70 5.53
C LYS A 33 -5.87 1.32 4.04
N LEU A 34 -5.02 0.39 3.58
CA LEU A 34 -4.95 -0.08 2.19
C LEU A 34 -5.30 -1.57 2.07
N ASP A 35 -4.71 -2.39 2.93
CA ASP A 35 -4.87 -3.85 2.90
C ASP A 35 -6.00 -4.29 3.84
N ARG A 36 -7.21 -4.46 3.30
CA ARG A 36 -8.44 -4.82 4.03
C ARG A 36 -8.30 -6.04 4.96
N ASP A 37 -7.47 -7.00 4.54
CA ASP A 37 -7.15 -8.24 5.24
C ASP A 37 -6.01 -8.10 6.28
N HIS A 38 -5.33 -6.94 6.31
CA HIS A 38 -4.14 -6.59 7.10
C HIS A 38 -3.21 -7.76 7.43
N ASP A 39 -2.82 -8.52 6.40
CA ASP A 39 -1.90 -9.68 6.51
C ASP A 39 -0.40 -9.29 6.41
N GLY A 40 -0.09 -8.00 6.45
CA GLY A 40 1.28 -7.47 6.39
C GLY A 40 1.87 -7.40 4.97
N VAL A 41 1.04 -7.57 3.93
CA VAL A 41 1.45 -7.45 2.52
C VAL A 41 0.37 -6.74 1.74
N ALA A 42 0.73 -5.65 1.06
CA ALA A 42 -0.19 -4.85 0.26
C ALA A 42 0.11 -4.97 -1.24
N CYS A 43 -0.98 -5.02 -2.03
CA CYS A 43 -0.99 -5.19 -3.49
C CYS A 43 -0.13 -6.37 -3.99
N GLU A 44 -0.24 -7.52 -3.31
CA GLU A 44 0.43 -8.79 -3.59
C GLU A 44 0.08 -9.45 -4.94
N LEU A 45 0.97 -10.28 -5.51
CA LEU A 45 0.75 -11.02 -6.78
C LEU A 45 0.75 -12.55 -6.62
N LYS A 46 1.55 -13.11 -5.71
CA LYS A 46 1.52 -14.55 -5.37
C LYS A 46 0.12 -14.96 -4.87
N ASN A 47 -0.50 -15.93 -5.55
CA ASN A 47 -1.81 -16.52 -5.23
C ASN A 47 -1.74 -17.62 -4.14
CA CA B . -2.92 -8.68 1.80
N GLY A 1 -8.47 22.53 7.52
CA GLY A 1 -7.70 21.52 6.76
C GLY A 1 -6.32 21.31 7.36
N ALA A 2 -6.08 20.14 7.96
CA ALA A 2 -4.76 19.74 8.47
C ALA A 2 -3.74 19.46 7.35
N SER A 3 -2.47 19.25 7.73
CA SER A 3 -1.36 18.84 6.84
C SER A 3 -1.00 17.36 7.01
N GLU A 4 -0.34 16.78 6.00
CA GLU A 4 0.15 15.40 6.01
C GLU A 4 1.44 15.25 5.18
N GLU A 5 2.20 14.18 5.46
CA GLU A 5 3.51 13.88 4.83
C GLU A 5 3.67 12.38 4.52
N ASN A 6 2.55 11.65 4.42
CA ASN A 6 2.48 10.21 4.14
C ASN A 6 1.62 9.94 2.90
N ILE A 7 1.97 8.91 2.13
CA ILE A 7 1.21 8.48 0.94
C ILE A 7 -0.16 7.93 1.33
N HIS A 8 -1.16 8.15 0.46
CA HIS A 8 -2.55 7.72 0.64
C HIS A 8 -3.18 7.28 -0.70
N PHE A 9 -3.20 5.98 -0.98
CA PHE A 9 -3.87 5.42 -2.15
C PHE A 9 -5.35 5.14 -1.87
N SER A 10 -6.24 5.52 -2.80
CA SER A 10 -7.68 5.21 -2.73
C SER A 10 -7.96 3.70 -2.87
N SER A 11 -7.14 2.99 -3.66
CA SER A 11 -7.20 1.54 -3.87
C SER A 11 -5.87 1.00 -4.41
N CYS A 12 -5.59 -0.29 -4.19
CA CYS A 12 -4.47 -1.00 -4.85
C CYS A 12 -4.50 -0.94 -6.38
N LYS A 13 -5.66 -0.72 -7.02
CA LYS A 13 -5.77 -0.46 -8.48
C LYS A 13 -4.89 0.71 -8.94
N GLU A 14 -4.84 1.79 -8.16
CA GLU A 14 -4.00 2.96 -8.43
C GLU A 14 -2.51 2.69 -8.13
N ALA A 15 -2.22 1.89 -7.09
CA ALA A 15 -0.86 1.45 -6.76
C ALA A 15 -0.26 0.54 -7.85
N TRP A 16 -0.99 -0.49 -8.29
CA TRP A 16 -0.58 -1.41 -9.37
C TRP A 16 -0.33 -0.69 -10.71
N ALA A 17 -1.11 0.36 -11.03
CA ALA A 17 -0.87 1.20 -12.22
C ALA A 17 0.47 1.95 -12.19
N ASN A 18 1.07 2.14 -11.02
CA ASN A 18 2.40 2.72 -10.79
C ASN A 18 3.48 1.64 -10.52
N GLY A 19 3.13 0.35 -10.60
CA GLY A 19 4.04 -0.78 -10.35
C GLY A 19 4.27 -1.11 -8.86
N TYR A 20 3.47 -0.55 -7.95
CA TYR A 20 3.55 -0.82 -6.51
C TYR A 20 2.88 -2.15 -6.18
N SER A 21 3.68 -3.21 -6.06
CA SER A 21 3.26 -4.58 -5.75
C SER A 21 4.20 -5.24 -4.73
N ASP A 22 3.73 -6.30 -4.05
CA ASP A 22 4.43 -6.96 -2.93
C ASP A 22 4.98 -5.95 -1.89
N ILE A 23 4.15 -4.98 -1.48
CA ILE A 23 4.49 -3.99 -0.46
C ILE A 23 4.79 -4.70 0.88
N HIS A 24 6.02 -4.58 1.36
CA HIS A 24 6.49 -5.04 2.68
C HIS A 24 6.44 -3.92 3.73
N GLU A 25 6.73 -4.25 4.98
CA GLU A 25 6.87 -3.29 6.08
C GLU A 25 7.78 -2.09 5.73
N GLY A 26 7.32 -0.88 6.05
CA GLY A 26 8.01 0.39 5.78
C GLY A 26 7.69 1.03 4.43
N GLU A 27 7.23 0.27 3.44
CA GLU A 27 6.71 0.81 2.16
C GLU A 27 5.29 1.37 2.30
N PRO A 28 4.89 2.34 1.45
CA PRO A 28 3.57 2.97 1.50
C PRO A 28 2.45 2.00 1.13
N GLY A 29 1.45 1.89 2.00
CA GLY A 29 0.28 1.01 1.80
C GLY A 29 0.32 -0.30 2.60
N TYR A 30 1.41 -0.61 3.31
CA TYR A 30 1.50 -1.76 4.22
C TYR A 30 0.43 -1.73 5.34
N SER A 31 -0.04 -0.53 5.70
CA SER A 31 -1.05 -0.28 6.74
C SER A 31 -2.43 -0.84 6.37
N ALA A 32 -3.23 -1.14 7.41
CA ALA A 32 -4.64 -1.56 7.30
C ALA A 32 -5.54 -0.56 6.52
N LYS A 33 -5.11 0.71 6.42
CA LYS A 33 -5.68 1.77 5.58
C LYS A 33 -5.79 1.40 4.08
N LEU A 34 -4.91 0.51 3.61
CA LEU A 34 -4.88 -0.01 2.23
C LEU A 34 -5.30 -1.47 2.17
N ASP A 35 -4.81 -2.27 3.11
CA ASP A 35 -4.92 -3.73 3.09
C ASP A 35 -6.01 -4.22 4.05
N ARG A 36 -7.22 -4.43 3.52
CA ARG A 36 -8.43 -4.85 4.27
C ARG A 36 -8.23 -6.08 5.18
N ASP A 37 -7.34 -7.00 4.78
CA ASP A 37 -6.99 -8.21 5.52
C ASP A 37 -5.82 -8.02 6.52
N HIS A 38 -5.10 -6.90 6.42
CA HIS A 38 -3.84 -6.53 7.12
C HIS A 38 -2.90 -7.70 7.47
N ASP A 39 -2.69 -8.61 6.50
CA ASP A 39 -1.77 -9.76 6.61
C ASP A 39 -0.26 -9.40 6.51
N GLY A 40 0.09 -8.11 6.46
CA GLY A 40 1.47 -7.64 6.31
C GLY A 40 1.97 -7.62 4.86
N VAL A 41 1.07 -7.79 3.88
CA VAL A 41 1.37 -7.67 2.44
C VAL A 41 0.26 -6.88 1.78
N ALA A 42 0.62 -5.81 1.08
CA ALA A 42 -0.32 -4.97 0.35
C ALA A 42 -0.05 -4.99 -1.16
N CYS A 43 -1.15 -4.91 -1.92
CA CYS A 43 -1.18 -5.06 -3.38
C CYS A 43 -0.38 -6.29 -3.88
N GLU A 44 -0.54 -7.42 -3.17
CA GLU A 44 0.11 -8.72 -3.45
C GLU A 44 -0.07 -9.20 -4.91
N LEU A 45 1.05 -9.57 -5.57
CA LEU A 45 1.12 -9.89 -7.01
C LEU A 45 2.12 -11.04 -7.35
N LYS A 46 2.32 -11.97 -6.41
CA LYS A 46 3.19 -13.17 -6.54
C LYS A 46 4.66 -12.86 -6.91
N ASN A 47 5.17 -11.69 -6.52
CA ASN A 47 6.51 -11.18 -6.88
C ASN A 47 7.55 -11.50 -5.79
CA CA B . -2.96 -8.45 2.24
N GLY A 1 9.55 11.73 12.25
CA GLY A 1 9.66 12.87 13.19
C GLY A 1 8.74 14.01 12.79
N ALA A 2 9.14 14.81 11.80
CA ALA A 2 8.38 15.92 11.23
C ALA A 2 8.49 15.97 9.69
N SER A 3 7.78 16.91 9.04
CA SER A 3 7.63 17.06 7.58
C SER A 3 7.31 15.75 6.81
N GLU A 4 6.61 14.82 7.46
CA GLU A 4 6.18 13.54 6.90
C GLU A 4 5.15 13.70 5.75
N GLU A 5 5.05 12.72 4.86
CA GLU A 5 4.18 12.73 3.68
C GLU A 5 3.29 11.48 3.65
N ASN A 6 2.19 11.54 4.40
CA ASN A 6 1.19 10.47 4.51
C ASN A 6 0.53 10.19 3.14
N ILE A 7 0.87 9.06 2.50
CA ILE A 7 0.28 8.62 1.23
C ILE A 7 -1.04 7.88 1.49
N HIS A 8 -2.06 8.18 0.66
CA HIS A 8 -3.41 7.61 0.73
C HIS A 8 -3.89 7.20 -0.66
N PHE A 9 -3.83 5.91 -0.98
CA PHE A 9 -4.37 5.35 -2.23
C PHE A 9 -5.85 4.96 -2.06
N SER A 10 -6.70 5.33 -3.03
CA SER A 10 -8.12 5.00 -3.05
C SER A 10 -8.40 3.49 -3.21
N SER A 11 -7.50 2.76 -3.87
CA SER A 11 -7.51 1.30 -4.02
C SER A 11 -6.15 0.77 -4.50
N CYS A 12 -5.81 -0.48 -4.19
CA CYS A 12 -4.67 -1.19 -4.80
C CYS A 12 -4.71 -1.25 -6.34
N LYS A 13 -5.89 -1.12 -6.98
CA LYS A 13 -6.00 -0.96 -8.44
C LYS A 13 -5.20 0.23 -8.99
N GLU A 14 -5.16 1.34 -8.25
CA GLU A 14 -4.36 2.52 -8.60
C GLU A 14 -2.86 2.30 -8.31
N ALA A 15 -2.54 1.60 -7.22
CA ALA A 15 -1.18 1.25 -6.84
C ALA A 15 -0.51 0.33 -7.88
N TRP A 16 -1.18 -0.74 -8.32
CA TRP A 16 -0.69 -1.65 -9.36
C TRP A 16 -0.41 -0.95 -10.70
N ALA A 17 -1.23 0.02 -11.10
CA ALA A 17 -1.00 0.83 -12.31
C ALA A 17 0.28 1.69 -12.25
N ASN A 18 0.77 2.01 -11.05
CA ASN A 18 2.02 2.73 -10.78
C ASN A 18 3.21 1.79 -10.46
N GLY A 19 2.99 0.46 -10.46
CA GLY A 19 4.01 -0.55 -10.11
C GLY A 19 4.19 -0.78 -8.60
N TYR A 20 3.33 -0.19 -7.75
CA TYR A 20 3.34 -0.35 -6.29
C TYR A 20 2.71 -1.70 -5.92
N SER A 21 3.53 -2.75 -5.88
CA SER A 21 3.19 -4.14 -5.55
C SER A 21 4.16 -4.71 -4.51
N ASP A 22 3.75 -5.77 -3.82
CA ASP A 22 4.54 -6.48 -2.79
C ASP A 22 5.12 -5.51 -1.73
N ILE A 23 4.29 -4.56 -1.28
CA ILE A 23 4.67 -3.49 -0.34
C ILE A 23 5.08 -4.11 1.00
N HIS A 24 6.37 -4.07 1.32
CA HIS A 24 6.94 -4.47 2.62
C HIS A 24 6.75 -3.40 3.69
N GLU A 25 7.05 -3.75 4.94
CA GLU A 25 6.95 -2.85 6.11
C GLU A 25 7.73 -1.54 5.90
N GLY A 26 7.11 -0.40 6.25
CA GLY A 26 7.70 0.95 6.14
C GLY A 26 7.41 1.66 4.81
N GLU A 27 7.08 0.94 3.74
CA GLU A 27 6.63 1.54 2.47
C GLU A 27 5.13 1.92 2.51
N PRO A 28 4.70 2.91 1.69
CA PRO A 28 3.33 3.42 1.73
C PRO A 28 2.32 2.37 1.28
N GLY A 29 1.30 2.15 2.10
CA GLY A 29 0.21 1.21 1.84
C GLY A 29 0.30 -0.11 2.60
N TYR A 30 1.42 -0.40 3.31
CA TYR A 30 1.54 -1.56 4.20
C TYR A 30 0.41 -1.64 5.25
N SER A 31 -0.12 -0.48 5.66
CA SER A 31 -1.17 -0.32 6.66
C SER A 31 -2.53 -0.92 6.26
N ALA A 32 -3.35 -1.25 7.27
CA ALA A 32 -4.74 -1.70 7.12
C ALA A 32 -5.65 -0.73 6.32
N LYS A 33 -5.26 0.55 6.26
CA LYS A 33 -5.86 1.61 5.42
C LYS A 33 -5.91 1.28 3.92
N LEU A 34 -5.04 0.40 3.45
CA LEU A 34 -4.92 -0.06 2.06
C LEU A 34 -5.30 -1.55 1.93
N ASP A 35 -4.77 -2.38 2.83
CA ASP A 35 -4.90 -3.83 2.77
C ASP A 35 -6.05 -4.32 3.68
N ARG A 36 -7.24 -4.49 3.08
CA ARG A 36 -8.49 -4.91 3.76
C ARG A 36 -8.35 -6.14 4.67
N ASP A 37 -7.46 -7.06 4.33
CA ASP A 37 -7.17 -8.30 5.06
C ASP A 37 -6.03 -8.16 6.12
N HIS A 38 -5.32 -7.03 6.11
CA HIS A 38 -4.14 -6.67 6.95
C HIS A 38 -3.23 -7.85 7.32
N ASP A 39 -2.82 -8.65 6.33
CA ASP A 39 -1.88 -9.78 6.48
C ASP A 39 -0.38 -9.38 6.44
N GLY A 40 -0.09 -8.07 6.50
CA GLY A 40 1.28 -7.54 6.46
C GLY A 40 1.88 -7.42 5.05
N VAL A 41 1.06 -7.53 4.01
CA VAL A 41 1.45 -7.35 2.60
C VAL A 41 0.33 -6.63 1.85
N ALA A 42 0.68 -5.54 1.17
CA ALA A 42 -0.28 -4.73 0.44
C ALA A 42 -0.03 -4.78 -1.07
N CYS A 43 -1.14 -4.81 -1.83
CA CYS A 43 -1.19 -4.98 -3.27
C CYS A 43 -0.29 -6.13 -3.77
N GLU A 44 -0.40 -7.30 -3.13
CA GLU A 44 0.37 -8.51 -3.44
C GLU A 44 0.16 -9.03 -4.89
N LEU A 45 1.16 -9.73 -5.46
CA LEU A 45 1.10 -10.32 -6.82
C LEU A 45 1.59 -11.78 -6.88
N LYS A 46 2.58 -12.15 -6.06
CA LYS A 46 3.15 -13.51 -6.00
C LYS A 46 2.14 -14.57 -5.52
N ASN A 47 1.33 -14.23 -4.52
CA ASN A 47 0.22 -15.04 -3.99
C ASN A 47 -1.10 -14.72 -4.71
CA CA B . -2.92 -8.57 2.02
N GLY A 1 9.06 23.34 -2.02
CA GLY A 1 8.88 21.88 -1.99
C GLY A 1 7.90 21.48 -0.91
N ALA A 2 6.97 20.56 -1.22
CA ALA A 2 5.86 20.14 -0.35
C ALA A 2 5.66 18.61 -0.38
N SER A 3 6.71 17.86 -0.03
CA SER A 3 6.73 16.39 0.02
C SER A 3 5.61 15.82 0.90
N GLU A 4 4.91 14.78 0.42
CA GLU A 4 3.80 14.11 1.11
C GLU A 4 4.32 13.21 2.26
N GLU A 5 4.26 13.71 3.49
CA GLU A 5 4.64 12.99 4.72
C GLU A 5 3.78 11.72 4.99
N ASN A 6 2.53 11.72 4.51
CA ASN A 6 1.54 10.64 4.66
C ASN A 6 0.91 10.36 3.29
N ILE A 7 1.14 9.15 2.75
CA ILE A 7 0.56 8.67 1.48
C ILE A 7 -0.81 8.02 1.71
N HIS A 8 -1.75 8.25 0.80
CA HIS A 8 -3.16 7.83 0.92
C HIS A 8 -3.75 7.32 -0.42
N PHE A 9 -3.43 6.08 -0.78
CA PHE A 9 -3.99 5.42 -1.98
C PHE A 9 -5.48 5.08 -1.78
N SER A 10 -6.32 5.42 -2.76
CA SER A 10 -7.76 5.11 -2.77
C SER A 10 -8.06 3.61 -2.91
N SER A 11 -7.17 2.87 -3.58
CA SER A 11 -7.20 1.41 -3.76
C SER A 11 -5.83 0.91 -4.27
N CYS A 12 -5.54 -0.38 -4.07
CA CYS A 12 -4.42 -1.06 -4.74
C CYS A 12 -4.47 -0.96 -6.28
N LYS A 13 -5.63 -0.72 -6.91
CA LYS A 13 -5.73 -0.47 -8.36
C LYS A 13 -4.86 0.73 -8.78
N GLU A 14 -4.87 1.81 -8.00
CA GLU A 14 -4.07 3.01 -8.23
C GLU A 14 -2.58 2.77 -7.95
N ALA A 15 -2.28 1.96 -6.94
CA ALA A 15 -0.91 1.58 -6.57
C ALA A 15 -0.25 0.70 -7.66
N TRP A 16 -0.94 -0.34 -8.15
CA TRP A 16 -0.47 -1.21 -9.24
C TRP A 16 -0.23 -0.46 -10.55
N ALA A 17 -1.03 0.56 -10.88
CA ALA A 17 -0.82 1.42 -12.04
C ALA A 17 0.52 2.22 -11.99
N ASN A 18 1.08 2.39 -10.78
CA ASN A 18 2.41 2.99 -10.53
C ASN A 18 3.51 1.94 -10.26
N GLY A 19 3.19 0.64 -10.32
CA GLY A 19 4.12 -0.47 -10.08
C GLY A 19 4.30 -0.85 -8.60
N TYR A 20 3.49 -0.31 -7.69
CA TYR A 20 3.57 -0.58 -6.25
C TYR A 20 2.97 -1.98 -5.96
N SER A 21 3.86 -2.95 -5.75
CA SER A 21 3.55 -4.36 -5.46
C SER A 21 4.54 -4.92 -4.42
N ASP A 22 4.17 -6.02 -3.75
CA ASP A 22 4.93 -6.65 -2.67
C ASP A 22 5.35 -5.65 -1.56
N ILE A 23 4.43 -4.74 -1.20
CA ILE A 23 4.64 -3.72 -0.15
C ILE A 23 4.94 -4.42 1.18
N HIS A 24 6.10 -4.14 1.76
CA HIS A 24 6.52 -4.60 3.10
C HIS A 24 6.37 -3.50 4.16
N GLU A 25 6.59 -3.83 5.42
CA GLU A 25 6.53 -2.88 6.55
C GLU A 25 7.39 -1.61 6.29
N GLY A 26 6.78 -0.43 6.50
CA GLY A 26 7.42 0.88 6.30
C GLY A 26 7.15 1.52 4.94
N GLU A 27 6.81 0.74 3.91
CA GLU A 27 6.32 1.26 2.62
C GLU A 27 4.84 1.70 2.72
N PRO A 28 4.40 2.64 1.85
CA PRO A 28 3.04 3.15 1.85
C PRO A 28 2.03 2.08 1.42
N GLY A 29 0.95 1.95 2.19
CA GLY A 29 -0.15 1.02 1.92
C GLY A 29 -0.07 -0.30 2.70
N TYR A 30 1.03 -0.58 3.41
CA TYR A 30 1.14 -1.73 4.32
C TYR A 30 0.06 -1.76 5.42
N SER A 31 -0.42 -0.58 5.79
CA SER A 31 -1.42 -0.36 6.85
C SER A 31 -2.82 -0.88 6.47
N ALA A 32 -3.62 -1.20 7.49
CA ALA A 32 -4.98 -1.74 7.33
C ALA A 32 -5.95 -0.84 6.53
N LYS A 33 -5.63 0.46 6.42
CA LYS A 33 -6.30 1.43 5.53
C LYS A 33 -6.32 1.03 4.03
N LEU A 34 -5.37 0.19 3.59
CA LEU A 34 -5.24 -0.27 2.21
C LEU A 34 -5.47 -1.79 2.08
N ASP A 35 -4.94 -2.56 3.02
CA ASP A 35 -5.00 -4.02 3.00
C ASP A 35 -6.11 -4.53 3.92
N ARG A 36 -7.31 -4.75 3.37
CA ARG A 36 -8.51 -5.20 4.09
C ARG A 36 -8.30 -6.46 4.95
N ASP A 37 -7.43 -7.36 4.49
CA ASP A 37 -7.04 -8.62 5.15
C ASP A 37 -5.91 -8.43 6.19
N HIS A 38 -5.28 -7.25 6.22
CA HIS A 38 -4.11 -6.83 7.02
C HIS A 38 -3.12 -7.97 7.33
N ASP A 39 -2.70 -8.70 6.29
CA ASP A 39 -1.78 -9.85 6.39
C ASP A 39 -0.29 -9.46 6.33
N GLY A 40 0.01 -8.15 6.39
CA GLY A 40 1.37 -7.61 6.30
C GLY A 40 1.93 -7.54 4.87
N VAL A 41 1.09 -7.74 3.84
CA VAL A 41 1.46 -7.59 2.43
C VAL A 41 0.35 -6.87 1.69
N ALA A 42 0.65 -5.68 1.16
CA ALA A 42 -0.31 -4.92 0.37
C ALA A 42 0.02 -4.98 -1.14
N CYS A 43 -1.05 -4.98 -1.95
CA CYS A 43 -1.02 -5.05 -3.40
C CYS A 43 -0.14 -6.20 -3.96
N GLU A 44 -0.30 -7.40 -3.38
CA GLU A 44 0.42 -8.63 -3.77
C GLU A 44 0.12 -9.14 -5.21
N LEU A 45 1.13 -9.74 -5.87
CA LEU A 45 1.07 -10.35 -7.22
C LEU A 45 1.51 -11.83 -7.24
N LYS A 46 1.34 -12.51 -6.09
CA LYS A 46 1.58 -13.96 -5.91
C LYS A 46 0.62 -14.81 -6.77
N ASN A 47 1.08 -15.21 -7.96
CA ASN A 47 0.35 -15.95 -9.01
C ASN A 47 -1.06 -15.38 -9.32
CA CA B . -2.82 -8.65 1.77
N GLY A 1 -1.77 25.54 10.34
CA GLY A 1 -2.21 24.13 10.33
C GLY A 1 -1.02 23.18 10.31
N ALA A 2 -1.08 22.10 11.08
CA ALA A 2 0.00 21.11 11.19
C ALA A 2 0.10 20.22 9.93
N SER A 3 1.03 20.55 9.02
CA SER A 3 1.33 19.76 7.82
C SER A 3 1.87 18.36 8.14
N GLU A 4 1.75 17.44 7.18
CA GLU A 4 2.27 16.07 7.26
C GLU A 4 2.74 15.55 5.87
N GLU A 5 3.49 14.45 5.86
CA GLU A 5 4.03 13.81 4.66
C GLU A 5 3.75 12.30 4.70
N ASN A 6 2.55 11.91 4.23
CA ASN A 6 2.09 10.53 4.17
C ASN A 6 1.41 10.22 2.82
N ILE A 7 1.58 8.97 2.34
CA ILE A 7 0.98 8.49 1.08
C ILE A 7 -0.38 7.86 1.37
N HIS A 8 -1.35 8.09 0.46
CA HIS A 8 -2.77 7.74 0.64
C HIS A 8 -3.43 7.28 -0.67
N PHE A 9 -3.10 6.07 -1.13
CA PHE A 9 -3.77 5.43 -2.28
C PHE A 9 -5.25 5.12 -1.96
N SER A 10 -6.15 5.35 -2.92
CA SER A 10 -7.59 5.07 -2.80
C SER A 10 -7.89 3.56 -2.73
N SER A 11 -7.20 2.77 -3.56
CA SER A 11 -7.25 1.30 -3.64
C SER A 11 -5.97 0.76 -4.29
N CYS A 12 -5.66 -0.52 -4.05
CA CYS A 12 -4.54 -1.21 -4.71
C CYS A 12 -4.56 -1.17 -6.25
N LYS A 13 -5.72 -0.98 -6.90
CA LYS A 13 -5.81 -0.74 -8.35
C LYS A 13 -4.96 0.45 -8.83
N GLU A 14 -4.99 1.56 -8.09
CA GLU A 14 -4.18 2.76 -8.39
C GLU A 14 -2.68 2.51 -8.09
N ALA A 15 -2.38 1.77 -7.02
CA ALA A 15 -1.02 1.37 -6.67
C ALA A 15 -0.39 0.47 -7.76
N TRP A 16 -1.09 -0.59 -8.20
CA TRP A 16 -0.67 -1.48 -9.29
C TRP A 16 -0.46 -0.75 -10.62
N ALA A 17 -1.28 0.25 -10.95
CA ALA A 17 -1.10 1.09 -12.14
C ALA A 17 0.23 1.87 -12.16
N ASN A 18 0.83 2.10 -10.98
CA ASN A 18 2.15 2.73 -10.80
C ASN A 18 3.28 1.70 -10.54
N GLY A 19 2.98 0.40 -10.53
CA GLY A 19 3.94 -0.68 -10.29
C GLY A 19 4.20 -1.01 -8.81
N TYR A 20 3.34 -0.55 -7.89
CA TYR A 20 3.46 -0.79 -6.44
C TYR A 20 2.87 -2.16 -6.11
N SER A 21 3.72 -3.19 -6.13
CA SER A 21 3.38 -4.60 -5.88
C SER A 21 4.28 -5.23 -4.81
N ASP A 22 3.81 -6.30 -4.17
CA ASP A 22 4.51 -7.04 -3.11
C ASP A 22 5.03 -6.13 -1.95
N ILE A 23 4.26 -5.10 -1.58
CA ILE A 23 4.63 -4.07 -0.59
C ILE A 23 4.99 -4.72 0.76
N HIS A 24 6.17 -4.38 1.31
CA HIS A 24 6.65 -4.82 2.63
C HIS A 24 6.55 -3.71 3.70
N GLU A 25 6.79 -4.06 4.96
CA GLU A 25 6.80 -3.11 6.09
C GLU A 25 7.72 -1.90 5.83
N GLY A 26 7.17 -0.69 6.00
CA GLY A 26 7.86 0.58 5.79
C GLY A 26 7.58 1.23 4.41
N GLU A 27 7.16 0.45 3.41
CA GLU A 27 6.63 0.99 2.15
C GLU A 27 5.20 1.54 2.30
N PRO A 28 4.77 2.47 1.43
CA PRO A 28 3.42 3.01 1.42
C PRO A 28 2.38 1.95 1.04
N GLY A 29 1.32 1.85 1.84
CA GLY A 29 0.17 0.96 1.59
C GLY A 29 0.21 -0.34 2.41
N TYR A 30 1.31 -0.66 3.08
CA TYR A 30 1.42 -1.80 4.01
C TYR A 30 0.35 -1.81 5.11
N SER A 31 -0.11 -0.62 5.50
CA SER A 31 -1.06 -0.37 6.59
C SER A 31 -2.48 -0.86 6.29
N ALA A 32 -3.26 -1.12 7.35
CA ALA A 32 -4.67 -1.55 7.29
C ALA A 32 -5.58 -0.59 6.48
N LYS A 33 -5.20 0.70 6.39
CA LYS A 33 -5.80 1.74 5.53
C LYS A 33 -5.90 1.37 4.05
N LEU A 34 -5.04 0.46 3.56
CA LEU A 34 -5.00 0.00 2.17
C LEU A 34 -5.34 -1.50 2.07
N ASP A 35 -4.78 -2.31 2.96
CA ASP A 35 -4.92 -3.75 2.96
C ASP A 35 -6.05 -4.19 3.90
N ARG A 36 -7.27 -4.35 3.36
CA ARG A 36 -8.49 -4.74 4.11
C ARG A 36 -8.33 -6.00 4.97
N ASP A 37 -7.49 -6.94 4.53
CA ASP A 37 -7.15 -8.19 5.20
C ASP A 37 -6.00 -8.06 6.23
N HIS A 38 -5.30 -6.91 6.25
CA HIS A 38 -4.13 -6.55 7.06
C HIS A 38 -3.19 -7.72 7.41
N ASP A 39 -2.80 -8.49 6.39
CA ASP A 39 -1.94 -9.68 6.49
C ASP A 39 -0.42 -9.36 6.47
N GLY A 40 -0.05 -8.07 6.46
CA GLY A 40 1.33 -7.61 6.38
C GLY A 40 1.91 -7.61 4.96
N VAL A 41 1.06 -7.75 3.92
CA VAL A 41 1.45 -7.62 2.51
C VAL A 41 0.36 -6.85 1.78
N ALA A 42 0.71 -5.78 1.08
CA ALA A 42 -0.25 -4.99 0.32
C ALA A 42 0.01 -5.07 -1.19
N CYS A 43 -1.07 -5.09 -1.96
CA CYS A 43 -1.08 -5.23 -3.42
C CYS A 43 -0.22 -6.42 -3.91
N GLU A 44 -0.36 -7.56 -3.22
CA GLU A 44 0.30 -8.84 -3.51
C GLU A 44 0.02 -9.41 -4.92
N LEU A 45 1.01 -10.10 -5.51
CA LEU A 45 0.94 -10.73 -6.85
C LEU A 45 0.94 -12.26 -6.83
N LYS A 46 1.57 -12.87 -5.81
CA LYS A 46 1.81 -14.32 -5.69
C LYS A 46 1.61 -14.90 -4.27
N ASN A 47 1.67 -14.05 -3.25
CA ASN A 47 1.53 -14.42 -1.83
C ASN A 47 0.08 -14.80 -1.44
CA CA B . -2.92 -8.42 1.95
N GLY A 1 4.36 19.15 14.96
CA GLY A 1 5.83 19.12 14.96
C GLY A 1 6.39 19.38 13.57
N ALA A 2 7.40 18.61 13.16
CA ALA A 2 8.01 18.68 11.83
C ALA A 2 7.04 18.32 10.67
N SER A 3 7.40 18.70 9.45
CA SER A 3 6.64 18.35 8.22
C SER A 3 6.67 16.84 7.92
N GLU A 4 5.60 16.34 7.30
CA GLU A 4 5.43 14.93 6.88
C GLU A 4 4.46 14.84 5.69
N GLU A 5 4.52 13.75 4.91
CA GLU A 5 3.78 13.57 3.65
C GLU A 5 3.26 12.12 3.53
N ASN A 6 2.27 11.76 4.35
CA ASN A 6 1.61 10.45 4.34
C ASN A 6 0.87 10.19 3.01
N ILE A 7 1.36 9.21 2.24
CA ILE A 7 0.70 8.71 1.01
C ILE A 7 -0.62 8.02 1.37
N HIS A 8 -1.66 8.28 0.57
CA HIS A 8 -3.01 7.70 0.69
C HIS A 8 -3.55 7.32 -0.69
N PHE A 9 -3.50 6.03 -1.03
CA PHE A 9 -4.14 5.48 -2.24
C PHE A 9 -5.63 5.18 -2.00
N SER A 10 -6.47 5.38 -3.03
CA SER A 10 -7.89 5.02 -2.97
C SER A 10 -8.13 3.50 -2.97
N SER A 11 -7.26 2.75 -3.66
CA SER A 11 -7.28 1.27 -3.75
C SER A 11 -5.93 0.74 -4.26
N CYS A 12 -5.62 -0.53 -3.99
CA CYS A 12 -4.51 -1.25 -4.65
C CYS A 12 -4.61 -1.26 -6.19
N LYS A 13 -5.80 -1.08 -6.77
CA LYS A 13 -5.98 -0.96 -8.22
C LYS A 13 -5.25 0.26 -8.81
N GLU A 14 -5.13 1.34 -8.05
CA GLU A 14 -4.32 2.52 -8.39
C GLU A 14 -2.82 2.30 -8.08
N ALA A 15 -2.49 1.54 -7.03
CA ALA A 15 -1.11 1.17 -6.71
C ALA A 15 -0.47 0.32 -7.83
N TRP A 16 -1.17 -0.70 -8.35
CA TRP A 16 -0.71 -1.52 -9.47
C TRP A 16 -0.49 -0.72 -10.77
N ALA A 17 -1.30 0.31 -11.04
CA ALA A 17 -1.10 1.23 -12.17
C ALA A 17 0.22 2.05 -12.08
N ASN A 18 0.82 2.15 -10.89
CA ASN A 18 2.12 2.79 -10.62
C ASN A 18 3.26 1.77 -10.39
N GLY A 19 2.97 0.47 -10.45
CA GLY A 19 3.93 -0.61 -10.14
C GLY A 19 4.20 -0.83 -8.64
N TYR A 20 3.36 -0.27 -7.76
CA TYR A 20 3.44 -0.45 -6.31
C TYR A 20 2.80 -1.81 -5.94
N SER A 21 3.64 -2.82 -5.77
CA SER A 21 3.25 -4.24 -5.59
C SER A 21 4.12 -4.92 -4.53
N ASP A 22 3.62 -6.01 -3.94
CA ASP A 22 4.31 -6.78 -2.87
C ASP A 22 4.89 -5.89 -1.75
N ILE A 23 4.15 -4.84 -1.36
CA ILE A 23 4.56 -3.81 -0.39
C ILE A 23 4.96 -4.44 0.95
N HIS A 24 6.12 -4.06 1.48
CA HIS A 24 6.67 -4.51 2.77
C HIS A 24 6.54 -3.43 3.86
N GLU A 25 6.82 -3.80 5.12
CA GLU A 25 6.81 -2.87 6.27
C GLU A 25 7.68 -1.63 6.01
N GLY A 26 7.09 -0.44 6.18
CA GLY A 26 7.73 0.87 5.98
C GLY A 26 7.43 1.51 4.62
N GLU A 27 7.08 0.73 3.61
CA GLU A 27 6.61 1.24 2.30
C GLU A 27 5.13 1.69 2.36
N PRO A 28 4.72 2.66 1.52
CA PRO A 28 3.39 3.24 1.56
C PRO A 28 2.31 2.23 1.15
N GLY A 29 1.30 2.05 2.00
CA GLY A 29 0.18 1.15 1.77
C GLY A 29 0.26 -0.19 2.51
N TYR A 30 1.34 -0.47 3.24
CA TYR A 30 1.45 -1.63 4.15
C TYR A 30 0.33 -1.68 5.21
N SER A 31 -0.19 -0.52 5.60
CA SER A 31 -1.22 -0.33 6.62
C SER A 31 -2.58 -0.96 6.26
N ALA A 32 -3.36 -1.29 7.30
CA ALA A 32 -4.77 -1.75 7.19
C ALA A 32 -5.68 -0.77 6.41
N LYS A 33 -5.30 0.51 6.32
CA LYS A 33 -5.95 1.57 5.52
C LYS A 33 -6.02 1.22 4.02
N LEU A 34 -5.11 0.37 3.53
CA LEU A 34 -5.04 -0.11 2.15
C LEU A 34 -5.38 -1.60 2.08
N ASP A 35 -4.68 -2.38 2.91
CA ASP A 35 -4.73 -3.84 2.92
C ASP A 35 -5.90 -4.35 3.77
N ARG A 36 -7.07 -4.55 3.15
CA ARG A 36 -8.33 -4.92 3.85
C ARG A 36 -8.18 -6.15 4.75
N ASP A 37 -7.48 -7.15 4.22
CA ASP A 37 -7.13 -8.40 4.93
C ASP A 37 -6.10 -8.24 6.08
N HIS A 38 -5.36 -7.13 6.09
CA HIS A 38 -4.21 -6.79 6.94
C HIS A 38 -3.26 -7.97 7.31
N ASP A 39 -2.96 -8.83 6.35
CA ASP A 39 -1.98 -9.93 6.47
C ASP A 39 -0.50 -9.46 6.50
N GLY A 40 -0.23 -8.16 6.32
CA GLY A 40 1.12 -7.59 6.33
C GLY A 40 1.78 -7.53 4.93
N VAL A 41 1.01 -7.74 3.86
CA VAL A 41 1.44 -7.56 2.46
C VAL A 41 0.34 -6.86 1.70
N ALA A 42 0.67 -5.74 1.06
CA ALA A 42 -0.27 -4.94 0.29
C ALA A 42 0.00 -5.02 -1.21
N CYS A 43 -1.09 -5.07 -1.98
CA CYS A 43 -1.12 -5.21 -3.44
C CYS A 43 -0.24 -6.38 -3.94
N GLU A 44 -0.33 -7.50 -3.22
CA GLU A 44 0.38 -8.75 -3.48
C GLU A 44 0.10 -9.37 -4.87
N LEU A 45 1.07 -10.10 -5.42
CA LEU A 45 1.02 -10.73 -6.76
C LEU A 45 0.96 -12.27 -6.72
N LYS A 46 0.64 -12.85 -5.55
CA LYS A 46 0.38 -14.29 -5.39
C LYS A 46 -1.07 -14.63 -5.79
N ASN A 47 -1.22 -15.62 -6.68
CA ASN A 47 -2.50 -16.14 -7.18
C ASN A 47 -2.45 -17.68 -7.39
CA CA B . -2.84 -8.58 2.03
N GLY A 1 -3.56 22.74 0.43
CA GLY A 1 -2.32 23.21 1.09
C GLY A 1 -2.11 22.51 2.43
N ALA A 2 -0.84 22.38 2.85
CA ALA A 2 -0.41 21.71 4.09
C ALA A 2 -0.97 20.27 4.29
N SER A 3 -1.20 19.55 3.19
CA SER A 3 -1.70 18.17 3.18
C SER A 3 -0.74 17.17 3.87
N GLU A 4 -1.28 16.02 4.29
CA GLU A 4 -0.53 14.96 4.99
C GLU A 4 0.68 14.45 4.17
N GLU A 5 1.88 14.46 4.76
CA GLU A 5 3.12 14.04 4.08
C GLU A 5 3.19 12.53 3.79
N ASN A 6 2.48 11.72 4.58
CA ASN A 6 2.33 10.28 4.34
C ASN A 6 1.50 10.00 3.06
N ILE A 7 1.95 8.99 2.30
CA ILE A 7 1.29 8.48 1.10
C ILE A 7 -0.07 7.85 1.46
N HIS A 8 -1.08 8.13 0.64
CA HIS A 8 -2.49 7.78 0.87
C HIS A 8 -3.19 7.32 -0.42
N PHE A 9 -3.03 6.05 -0.78
CA PHE A 9 -3.66 5.45 -1.96
C PHE A 9 -5.16 5.17 -1.72
N SER A 10 -6.02 5.56 -2.68
CA SER A 10 -7.46 5.29 -2.64
C SER A 10 -7.80 3.80 -2.80
N SER A 11 -6.98 3.06 -3.55
CA SER A 11 -7.07 1.61 -3.78
C SER A 11 -5.73 1.06 -4.30
N CYS A 12 -5.45 -0.23 -4.06
CA CYS A 12 -4.37 -0.95 -4.75
C CYS A 12 -4.46 -0.89 -6.28
N LYS A 13 -5.65 -0.68 -6.87
CA LYS A 13 -5.80 -0.48 -8.33
C LYS A 13 -4.98 0.70 -8.86
N GLU A 14 -4.90 1.80 -8.10
CA GLU A 14 -4.06 2.96 -8.42
C GLU A 14 -2.57 2.68 -8.17
N ALA A 15 -2.26 1.94 -7.11
CA ALA A 15 -0.90 1.54 -6.75
C ALA A 15 -0.27 0.61 -7.82
N TRP A 16 -0.99 -0.42 -8.26
CA TRP A 16 -0.57 -1.33 -9.33
C TRP A 16 -0.29 -0.63 -10.67
N ALA A 17 -1.07 0.39 -11.02
CA ALA A 17 -0.82 1.22 -12.21
C ALA A 17 0.52 2.00 -12.16
N ASN A 18 1.05 2.23 -10.96
CA ASN A 18 2.37 2.83 -10.71
C ASN A 18 3.48 1.78 -10.47
N GLY A 19 3.16 0.47 -10.51
CA GLY A 19 4.08 -0.63 -10.30
C GLY A 19 4.31 -1.01 -8.82
N TYR A 20 3.46 -0.52 -7.90
CA TYR A 20 3.56 -0.81 -6.47
C TYR A 20 2.92 -2.18 -6.20
N SER A 21 3.76 -3.16 -5.89
CA SER A 21 3.39 -4.57 -5.65
C SER A 21 4.30 -5.22 -4.61
N ASP A 22 3.84 -6.30 -3.98
CA ASP A 22 4.55 -7.01 -2.90
C ASP A 22 5.10 -6.03 -1.83
N ILE A 23 4.28 -5.06 -1.42
CA ILE A 23 4.64 -4.04 -0.42
C ILE A 23 4.95 -4.73 0.91
N HIS A 24 6.15 -4.49 1.46
CA HIS A 24 6.59 -4.98 2.78
C HIS A 24 6.56 -3.85 3.82
N GLU A 25 6.73 -4.22 5.08
CA GLU A 25 6.86 -3.30 6.22
C GLU A 25 7.82 -2.12 5.94
N GLY A 26 7.35 -0.90 6.22
CA GLY A 26 8.08 0.35 5.98
C GLY A 26 7.75 1.04 4.64
N GLU A 27 7.30 0.30 3.63
CA GLU A 27 6.81 0.87 2.37
C GLU A 27 5.35 1.37 2.49
N PRO A 28 4.93 2.33 1.64
CA PRO A 28 3.59 2.92 1.69
C PRO A 28 2.52 1.90 1.33
N GLY A 29 1.46 1.85 2.13
CA GLY A 29 0.30 0.98 1.90
C GLY A 29 0.35 -0.36 2.65
N TYR A 30 1.46 -0.69 3.34
CA TYR A 30 1.55 -1.85 4.23
C TYR A 30 0.48 -1.85 5.35
N SER A 31 0.06 -0.65 5.75
CA SER A 31 -0.92 -0.40 6.81
C SER A 31 -2.34 -0.87 6.45
N ALA A 32 -3.16 -1.14 7.48
CA ALA A 32 -4.57 -1.53 7.36
C ALA A 32 -5.45 -0.51 6.58
N LYS A 33 -5.01 0.75 6.48
CA LYS A 33 -5.62 1.79 5.60
C LYS A 33 -5.71 1.41 4.12
N LEU A 34 -4.86 0.49 3.65
CA LEU A 34 -4.82 -0.01 2.27
C LEU A 34 -5.25 -1.47 2.21
N ASP A 35 -4.63 -2.30 3.05
CA ASP A 35 -4.80 -3.74 3.03
C ASP A 35 -5.96 -4.16 3.93
N ARG A 36 -7.15 -4.36 3.34
CA ARG A 36 -8.41 -4.72 4.01
C ARG A 36 -8.30 -5.95 4.93
N ASP A 37 -7.41 -6.89 4.58
CA ASP A 37 -7.13 -8.12 5.33
C ASP A 37 -5.96 -8.00 6.34
N HIS A 38 -5.22 -6.88 6.29
CA HIS A 38 -3.98 -6.55 7.04
C HIS A 38 -3.11 -7.77 7.41
N ASP A 39 -2.78 -8.60 6.42
CA ASP A 39 -1.90 -9.78 6.54
C ASP A 39 -0.39 -9.46 6.49
N GLY A 40 -0.02 -8.17 6.50
CA GLY A 40 1.37 -7.70 6.38
C GLY A 40 1.89 -7.67 4.93
N VAL A 41 1.01 -7.81 3.94
CA VAL A 41 1.34 -7.69 2.50
C VAL A 41 0.26 -6.88 1.82
N ALA A 42 0.66 -5.84 1.10
CA ALA A 42 -0.26 -4.97 0.35
C ALA A 42 0.02 -5.04 -1.16
N CYS A 43 -1.07 -4.98 -1.94
CA CYS A 43 -1.11 -5.08 -3.40
C CYS A 43 -0.34 -6.31 -3.94
N GLU A 44 -0.59 -7.48 -3.35
CA GLU A 44 -0.02 -8.79 -3.72
C GLU A 44 -0.52 -9.32 -5.09
N LEU A 45 0.32 -10.10 -5.80
CA LEU A 45 0.02 -10.71 -7.12
C LEU A 45 -0.14 -12.25 -7.05
N LYS A 46 -0.23 -12.79 -5.82
CA LYS A 46 -0.33 -14.23 -5.55
C LYS A 46 -1.67 -14.79 -6.05
N ASN A 47 -1.60 -15.74 -6.98
CA ASN A 47 -2.73 -16.43 -7.63
C ASN A 47 -2.64 -17.97 -7.46
CA CA B . -2.97 -8.49 2.09
N GLY A 1 -4.30 24.15 9.32
CA GLY A 1 -3.30 23.47 8.47
C GLY A 1 -3.31 21.96 8.69
N ALA A 2 -2.54 21.23 7.86
CA ALA A 2 -2.38 19.77 7.92
C ALA A 2 -0.97 19.33 7.48
N SER A 3 -0.65 18.04 7.71
CA SER A 3 0.67 17.44 7.48
C SER A 3 0.55 16.11 6.71
N GLU A 4 -0.22 16.14 5.62
CA GLU A 4 -0.52 15.01 4.71
C GLU A 4 0.70 14.58 3.84
N GLU A 5 1.90 14.55 4.43
CA GLU A 5 3.16 14.11 3.79
C GLU A 5 3.15 12.59 3.52
N ASN A 6 2.47 11.81 4.38
CA ASN A 6 2.30 10.36 4.21
C ASN A 6 1.48 10.01 2.95
N ILE A 7 1.93 8.99 2.22
CA ILE A 7 1.25 8.44 1.03
C ILE A 7 -0.10 7.83 1.42
N HIS A 8 -1.12 8.08 0.59
CA HIS A 8 -2.54 7.78 0.86
C HIS A 8 -3.28 7.35 -0.42
N PHE A 9 -3.12 6.09 -0.82
CA PHE A 9 -3.82 5.51 -1.98
C PHE A 9 -5.31 5.27 -1.70
N SER A 10 -6.17 5.60 -2.66
CA SER A 10 -7.62 5.31 -2.60
C SER A 10 -7.91 3.80 -2.72
N SER A 11 -7.16 3.10 -3.58
CA SER A 11 -7.23 1.64 -3.82
C SER A 11 -5.90 1.09 -4.36
N CYS A 12 -5.61 -0.19 -4.11
CA CYS A 12 -4.47 -0.90 -4.73
C CYS A 12 -4.45 -0.86 -6.27
N LYS A 13 -5.60 -0.67 -6.93
CA LYS A 13 -5.69 -0.47 -8.40
C LYS A 13 -4.83 0.68 -8.91
N GLU A 14 -4.79 1.79 -8.16
CA GLU A 14 -3.96 2.96 -8.44
C GLU A 14 -2.47 2.70 -8.11
N ALA A 15 -2.20 1.92 -7.06
CA ALA A 15 -0.85 1.49 -6.70
C ALA A 15 -0.22 0.57 -7.78
N TRP A 16 -0.95 -0.45 -8.24
CA TRP A 16 -0.53 -1.34 -9.33
C TRP A 16 -0.26 -0.61 -10.66
N ALA A 17 -1.04 0.44 -10.98
CA ALA A 17 -0.79 1.29 -12.15
C ALA A 17 0.56 2.04 -12.10
N ASN A 18 1.13 2.23 -10.91
CA ASN A 18 2.46 2.81 -10.67
C ASN A 18 3.54 1.73 -10.41
N GLY A 19 3.20 0.44 -10.51
CA GLY A 19 4.12 -0.68 -10.26
C GLY A 19 4.33 -1.02 -8.78
N TYR A 20 3.50 -0.49 -7.87
CA TYR A 20 3.57 -0.77 -6.43
C TYR A 20 2.92 -2.13 -6.13
N SER A 21 3.74 -3.18 -6.20
CA SER A 21 3.39 -4.56 -5.83
C SER A 21 4.35 -5.10 -4.77
N ASP A 22 3.98 -6.20 -4.11
CA ASP A 22 4.76 -6.89 -3.07
C ASP A 22 5.23 -5.97 -1.92
N ILE A 23 4.38 -5.02 -1.52
CA ILE A 23 4.64 -4.07 -0.41
C ILE A 23 4.93 -4.84 0.89
N HIS A 24 6.06 -4.54 1.52
CA HIS A 24 6.50 -5.05 2.84
C HIS A 24 6.45 -3.94 3.91
N GLU A 25 6.73 -4.29 5.16
CA GLU A 25 6.84 -3.32 6.27
C GLU A 25 7.80 -2.16 5.92
N GLY A 26 7.38 -0.94 6.24
CA GLY A 26 8.10 0.31 5.92
C GLY A 26 7.71 0.95 4.58
N GLU A 27 7.19 0.18 3.61
CA GLU A 27 6.72 0.72 2.32
C GLU A 27 5.27 1.28 2.42
N PRO A 28 4.90 2.24 1.55
CA PRO A 28 3.59 2.89 1.57
C PRO A 28 2.48 1.91 1.19
N GLY A 29 1.47 1.78 2.06
CA GLY A 29 0.31 0.92 1.86
C GLY A 29 0.34 -0.40 2.64
N TYR A 30 1.43 -0.73 3.33
CA TYR A 30 1.50 -1.88 4.26
C TYR A 30 0.41 -1.85 5.36
N SER A 31 -0.03 -0.64 5.73
CA SER A 31 -1.02 -0.39 6.78
C SER A 31 -2.42 -0.92 6.44
N ALA A 32 -3.21 -1.20 7.50
CA ALA A 32 -4.62 -1.60 7.39
C ALA A 32 -5.50 -0.59 6.60
N LYS A 33 -5.06 0.68 6.52
CA LYS A 33 -5.61 1.76 5.69
C LYS A 33 -5.70 1.44 4.18
N LEU A 34 -4.87 0.50 3.71
CA LEU A 34 -4.86 0.01 2.32
C LEU A 34 -5.27 -1.46 2.25
N ASP A 35 -4.72 -2.28 3.14
CA ASP A 35 -4.87 -3.73 3.11
C ASP A 35 -5.99 -4.19 4.05
N ARG A 36 -7.21 -4.31 3.52
CA ARG A 36 -8.43 -4.72 4.27
C ARG A 36 -8.30 -5.99 5.12
N ASP A 37 -7.42 -6.91 4.72
CA ASP A 37 -7.11 -8.16 5.43
C ASP A 37 -5.92 -8.05 6.41
N HIS A 38 -5.19 -6.92 6.38
CA HIS A 38 -3.96 -6.58 7.12
C HIS A 38 -3.03 -7.77 7.44
N ASP A 39 -2.76 -8.61 6.44
CA ASP A 39 -1.91 -9.82 6.55
C ASP A 39 -0.39 -9.53 6.46
N GLY A 40 0.01 -8.26 6.44
CA GLY A 40 1.40 -7.82 6.31
C GLY A 40 1.91 -7.78 4.86
N VAL A 41 1.03 -7.87 3.86
CA VAL A 41 1.34 -7.70 2.44
C VAL A 41 0.24 -6.89 1.79
N ALA A 42 0.59 -5.85 1.06
CA ALA A 42 -0.35 -5.00 0.35
C ALA A 42 -0.08 -5.00 -1.16
N CYS A 43 -1.16 -4.87 -1.94
CA CYS A 43 -1.17 -4.98 -3.40
C CYS A 43 -0.35 -6.19 -3.92
N GLU A 44 -0.49 -7.34 -3.25
CA GLU A 44 0.14 -8.62 -3.59
C GLU A 44 -0.12 -9.07 -5.05
N LEU A 45 0.92 -9.48 -5.78
CA LEU A 45 0.88 -9.79 -7.23
C LEU A 45 1.67 -11.08 -7.60
N LYS A 46 1.81 -12.02 -6.67
CA LYS A 46 2.57 -13.28 -6.78
C LYS A 46 1.73 -14.51 -6.41
N ASN A 47 0.56 -14.65 -7.05
CA ASN A 47 -0.32 -15.82 -6.95
C ASN A 47 0.38 -17.13 -7.39
CA CA B . -2.99 -8.45 2.13
N GLY A 1 2.66 26.21 -1.74
CA GLY A 1 2.30 24.79 -1.95
C GLY A 1 3.13 23.88 -1.06
N ALA A 2 2.54 23.40 0.04
CA ALA A 2 3.18 22.46 0.98
C ALA A 2 3.01 20.98 0.54
N SER A 3 3.64 20.07 1.28
CA SER A 3 3.54 18.61 1.08
C SER A 3 3.53 17.85 2.42
N GLU A 4 2.61 16.90 2.57
CA GLU A 4 2.53 15.98 3.71
C GLU A 4 3.60 14.86 3.62
N GLU A 5 3.77 14.10 4.71
CA GLU A 5 4.75 13.01 4.85
C GLU A 5 4.08 11.62 4.96
N ASN A 6 2.85 11.50 4.44
CA ASN A 6 2.02 10.29 4.49
C ASN A 6 1.31 10.08 3.13
N ILE A 7 1.37 8.84 2.61
CA ILE A 7 0.76 8.45 1.32
C ILE A 7 -0.60 7.78 1.57
N HIS A 8 -1.61 8.23 0.83
CA HIS A 8 -3.00 7.77 0.91
C HIS A 8 -3.53 7.40 -0.48
N PHE A 9 -3.41 6.12 -0.85
CA PHE A 9 -4.04 5.56 -2.06
C PHE A 9 -5.51 5.19 -1.79
N SER A 10 -6.38 5.46 -2.76
CA SER A 10 -7.81 5.08 -2.70
C SER A 10 -8.01 3.55 -2.68
N SER A 11 -7.26 2.84 -3.53
CA SER A 11 -7.26 1.37 -3.69
C SER A 11 -5.94 0.86 -4.28
N CYS A 12 -5.58 -0.41 -4.02
CA CYS A 12 -4.44 -1.08 -4.66
C CYS A 12 -4.48 -1.08 -6.20
N LYS A 13 -5.65 -1.00 -6.83
CA LYS A 13 -5.81 -0.83 -8.29
C LYS A 13 -5.02 0.36 -8.85
N GLU A 14 -4.98 1.47 -8.13
CA GLU A 14 -4.21 2.68 -8.50
C GLU A 14 -2.71 2.53 -8.17
N ALA A 15 -2.38 1.83 -7.09
CA ALA A 15 -1.01 1.52 -6.71
C ALA A 15 -0.31 0.61 -7.74
N TRP A 16 -0.96 -0.48 -8.17
CA TRP A 16 -0.47 -1.39 -9.22
C TRP A 16 -0.20 -0.70 -10.55
N ALA A 17 -1.02 0.28 -10.96
CA ALA A 17 -0.81 1.08 -12.16
C ALA A 17 0.47 1.95 -12.11
N ASN A 18 0.95 2.28 -10.90
CA ASN A 18 2.22 2.97 -10.63
C ASN A 18 3.39 2.00 -10.37
N GLY A 19 3.16 0.68 -10.42
CA GLY A 19 4.16 -0.37 -10.18
C GLY A 19 4.35 -0.75 -8.71
N TYR A 20 3.48 -0.28 -7.81
CA TYR A 20 3.54 -0.59 -6.37
C TYR A 20 2.93 -1.99 -6.13
N SER A 21 3.81 -2.98 -5.94
CA SER A 21 3.48 -4.38 -5.66
C SER A 21 4.42 -4.95 -4.59
N ASP A 22 4.05 -6.08 -3.99
CA ASP A 22 4.82 -6.75 -2.92
C ASP A 22 5.24 -5.78 -1.78
N ILE A 23 4.34 -4.87 -1.39
CA ILE A 23 4.60 -3.87 -0.34
C ILE A 23 4.88 -4.59 0.99
N HIS A 24 6.09 -4.37 1.54
CA HIS A 24 6.54 -4.84 2.85
C HIS A 24 6.41 -3.74 3.91
N GLU A 25 6.67 -4.08 5.17
CA GLU A 25 6.69 -3.12 6.29
C GLU A 25 7.56 -1.88 6.01
N GLY A 26 7.07 -0.71 6.41
CA GLY A 26 7.71 0.59 6.19
C GLY A 26 7.38 1.27 4.84
N GLU A 27 6.96 0.51 3.81
CA GLU A 27 6.51 1.06 2.53
C GLU A 27 5.04 1.53 2.58
N PRO A 28 4.65 2.51 1.72
CA PRO A 28 3.31 3.08 1.71
C PRO A 28 2.26 2.06 1.28
N GLY A 29 1.23 1.89 2.11
CA GLY A 29 0.11 0.98 1.85
C GLY A 29 0.16 -0.33 2.64
N TYR A 30 1.25 -0.62 3.35
CA TYR A 30 1.36 -1.79 4.25
C TYR A 30 0.26 -1.84 5.33
N SER A 31 -0.26 -0.67 5.72
CA SER A 31 -1.25 -0.49 6.77
C SER A 31 -2.64 -1.05 6.39
N ALA A 32 -3.47 -1.30 7.42
CA ALA A 32 -4.87 -1.71 7.27
C ALA A 32 -5.73 -0.71 6.45
N LYS A 33 -5.31 0.55 6.32
CA LYS A 33 -5.96 1.57 5.47
C LYS A 33 -6.02 1.21 3.98
N LEU A 34 -5.13 0.33 3.52
CA LEU A 34 -5.01 -0.13 2.14
C LEU A 34 -5.34 -1.62 2.01
N ASP A 35 -4.80 -2.43 2.92
CA ASP A 35 -4.90 -3.89 2.88
C ASP A 35 -6.05 -4.37 3.78
N ARG A 36 -7.23 -4.57 3.17
CA ARG A 36 -8.49 -4.99 3.85
C ARG A 36 -8.35 -6.20 4.78
N ASP A 37 -7.44 -7.11 4.45
CA ASP A 37 -7.13 -8.33 5.22
C ASP A 37 -6.00 -8.14 6.27
N HIS A 38 -5.29 -7.00 6.23
CA HIS A 38 -4.11 -6.62 7.00
C HIS A 38 -3.16 -7.78 7.38
N ASP A 39 -2.86 -8.66 6.42
CA ASP A 39 -1.90 -9.78 6.56
C ASP A 39 -0.41 -9.36 6.48
N GLY A 40 -0.12 -8.06 6.48
CA GLY A 40 1.24 -7.52 6.40
C GLY A 40 1.81 -7.49 4.97
N VAL A 41 0.96 -7.68 3.96
CA VAL A 41 1.33 -7.59 2.54
C VAL A 41 0.25 -6.86 1.78
N ALA A 42 0.61 -5.73 1.16
CA ALA A 42 -0.29 -4.91 0.39
C ALA A 42 0.03 -4.98 -1.12
N CYS A 43 -1.03 -4.92 -1.93
CA CYS A 43 -1.01 -5.01 -3.39
C CYS A 43 -0.18 -6.23 -3.90
N GLU A 44 -0.45 -7.40 -3.32
CA GLU A 44 0.21 -8.69 -3.61
C GLU A 44 -0.10 -9.26 -5.03
N LEU A 45 0.93 -9.81 -5.72
CA LEU A 45 0.85 -10.37 -7.09
C LEU A 45 1.34 -11.83 -7.20
N LYS A 46 1.29 -12.58 -6.08
CA LYS A 46 1.76 -13.98 -5.95
C LYS A 46 0.74 -14.97 -5.37
N ASN A 47 -0.45 -14.49 -4.96
CA ASN A 47 -1.53 -15.29 -4.35
C ASN A 47 -2.89 -15.03 -5.04
CA CA B . -2.93 -8.65 2.02
N GLY A 1 13.44 20.73 10.15
CA GLY A 1 12.14 21.29 9.72
C GLY A 1 11.00 20.32 10.02
N ALA A 2 10.16 20.04 9.03
CA ALA A 2 9.06 19.07 9.11
C ALA A 2 8.95 18.22 7.83
N SER A 3 8.35 17.04 7.95
CA SER A 3 8.20 16.06 6.85
C SER A 3 6.91 15.27 7.05
N GLU A 4 6.01 15.31 6.06
CA GLU A 4 4.62 14.83 6.15
C GLU A 4 4.21 14.07 4.86
N GLU A 5 5.05 13.10 4.47
CA GLU A 5 4.89 12.24 3.28
C GLU A 5 3.77 11.17 3.44
N ASN A 6 2.61 11.58 3.97
CA ASN A 6 1.44 10.74 4.26
C ASN A 6 0.67 10.31 2.99
N ILE A 7 1.23 9.38 2.23
CA ILE A 7 0.60 8.76 1.05
C ILE A 7 -0.73 8.07 1.43
N HIS A 8 -1.73 8.18 0.54
CA HIS A 8 -3.13 7.81 0.79
C HIS A 8 -3.85 7.30 -0.47
N PHE A 9 -3.46 6.14 -0.99
CA PHE A 9 -4.13 5.48 -2.12
C PHE A 9 -5.60 5.11 -1.80
N SER A 10 -6.50 5.27 -2.78
CA SER A 10 -7.92 4.88 -2.64
C SER A 10 -8.11 3.36 -2.68
N SER A 11 -7.37 2.67 -3.56
CA SER A 11 -7.36 1.21 -3.75
C SER A 11 -6.03 0.73 -4.34
N CYS A 12 -5.65 -0.53 -4.11
CA CYS A 12 -4.47 -1.16 -4.75
C CYS A 12 -4.50 -1.15 -6.28
N LYS A 13 -5.67 -1.05 -6.93
CA LYS A 13 -5.76 -0.87 -8.39
C LYS A 13 -4.99 0.35 -8.91
N GLU A 14 -5.05 1.46 -8.18
CA GLU A 14 -4.31 2.68 -8.51
C GLU A 14 -2.80 2.52 -8.22
N ALA A 15 -2.46 1.80 -7.14
CA ALA A 15 -1.07 1.48 -6.78
C ALA A 15 -0.40 0.58 -7.84
N TRP A 16 -1.05 -0.50 -8.27
CA TRP A 16 -0.57 -1.40 -9.33
C TRP A 16 -0.33 -0.68 -10.66
N ALA A 17 -1.19 0.29 -11.03
CA ALA A 17 -1.00 1.12 -12.23
C ALA A 17 0.26 2.02 -12.17
N ASN A 18 0.77 2.31 -10.96
CA ASN A 18 2.04 3.01 -10.71
C ASN A 18 3.21 2.04 -10.43
N GLY A 19 2.99 0.72 -10.52
CA GLY A 19 4.01 -0.32 -10.30
C GLY A 19 4.20 -0.71 -8.82
N TYR A 20 3.42 -0.15 -7.90
CA TYR A 20 3.51 -0.45 -6.45
C TYR A 20 2.91 -1.83 -6.17
N SER A 21 3.77 -2.81 -5.92
CA SER A 21 3.41 -4.21 -5.64
C SER A 21 4.32 -4.80 -4.56
N ASP A 22 3.91 -5.92 -3.95
CA ASP A 22 4.68 -6.65 -2.92
C ASP A 22 5.16 -5.76 -1.76
N ILE A 23 4.33 -4.79 -1.36
CA ILE A 23 4.62 -3.79 -0.32
C ILE A 23 4.96 -4.48 1.01
N HIS A 24 6.11 -4.13 1.61
CA HIS A 24 6.56 -4.58 2.94
C HIS A 24 6.43 -3.46 3.99
N GLU A 25 6.66 -3.79 5.26
CA GLU A 25 6.61 -2.84 6.39
C GLU A 25 7.48 -1.58 6.12
N GLY A 26 6.88 -0.40 6.31
CA GLY A 26 7.52 0.91 6.10
C GLY A 26 7.24 1.55 4.74
N GLU A 27 6.89 0.76 3.72
CA GLU A 27 6.42 1.29 2.43
C GLU A 27 4.93 1.73 2.49
N PRO A 28 4.52 2.69 1.66
CA PRO A 28 3.16 3.23 1.66
C PRO A 28 2.13 2.16 1.24
N GLY A 29 1.07 2.02 2.02
CA GLY A 29 -0.03 1.07 1.76
C GLY A 29 0.03 -0.23 2.56
N TYR A 30 1.13 -0.50 3.29
CA TYR A 30 1.26 -1.66 4.19
C TYR A 30 0.15 -1.73 5.26
N SER A 31 -0.41 -0.58 5.64
CA SER A 31 -1.37 -0.50 6.76
C SER A 31 -2.78 -0.97 6.39
N ALA A 32 -3.59 -1.25 7.42
CA ALA A 32 -4.99 -1.69 7.29
C ALA A 32 -5.88 -0.72 6.48
N LYS A 33 -5.50 0.56 6.38
CA LYS A 33 -6.11 1.58 5.51
C LYS A 33 -6.16 1.21 4.02
N LEU A 34 -5.26 0.33 3.56
CA LEU A 34 -5.18 -0.14 2.17
C LEU A 34 -5.43 -1.65 2.08
N ASP A 35 -4.86 -2.40 3.02
CA ASP A 35 -4.84 -3.85 3.00
C ASP A 35 -5.99 -4.41 3.86
N ARG A 36 -7.16 -4.63 3.22
CA ARG A 36 -8.41 -5.10 3.86
C ARG A 36 -8.26 -6.34 4.75
N ASP A 37 -7.32 -7.22 4.42
CA ASP A 37 -6.98 -8.45 5.15
C ASP A 37 -5.93 -8.26 6.26
N HIS A 38 -5.24 -7.10 6.26
CA HIS A 38 -4.07 -6.72 7.06
C HIS A 38 -3.09 -7.87 7.40
N ASP A 39 -2.79 -8.73 6.43
CA ASP A 39 -1.82 -9.84 6.54
C ASP A 39 -0.34 -9.39 6.53
N GLY A 40 -0.07 -8.09 6.41
CA GLY A 40 1.29 -7.53 6.39
C GLY A 40 1.91 -7.48 4.99
N VAL A 41 1.12 -7.68 3.94
CA VAL A 41 1.52 -7.53 2.54
C VAL A 41 0.39 -6.80 1.81
N ALA A 42 0.71 -5.70 1.15
CA ALA A 42 -0.26 -4.92 0.39
C ALA A 42 0.06 -4.94 -1.11
N CYS A 43 -0.99 -4.88 -1.92
CA CYS A 43 -0.95 -4.99 -3.38
C CYS A 43 -0.12 -6.18 -3.88
N GLU A 44 -0.30 -7.35 -3.24
CA GLU A 44 0.38 -8.61 -3.54
C GLU A 44 0.09 -9.19 -4.96
N LEU A 45 1.02 -9.99 -5.51
CA LEU A 45 0.96 -10.58 -6.87
C LEU A 45 1.13 -12.11 -6.86
N LYS A 46 0.74 -12.76 -5.76
CA LYS A 46 0.92 -14.20 -5.46
C LYS A 46 -0.37 -14.90 -4.99
N ASN A 47 -1.53 -14.39 -5.41
CA ASN A 47 -2.88 -14.79 -4.98
C ASN A 47 -3.04 -14.87 -3.43
CA CA B . -2.77 -8.54 2.05
N GLY A 1 5.65 25.12 10.14
CA GLY A 1 4.92 23.92 9.70
C GLY A 1 5.73 23.11 8.71
N ALA A 2 6.49 22.11 9.20
CA ALA A 2 7.23 21.17 8.34
C ALA A 2 6.28 20.20 7.60
N SER A 3 6.66 19.81 6.38
CA SER A 3 5.95 18.78 5.59
C SER A 3 6.15 17.37 6.17
N GLU A 4 5.32 16.42 5.74
CA GLU A 4 5.39 15.00 6.12
C GLU A 4 5.06 14.06 4.95
N GLU A 5 5.61 12.84 4.99
CA GLU A 5 5.33 11.77 4.01
C GLU A 5 4.06 10.99 4.40
N ASN A 6 2.92 11.42 3.87
CA ASN A 6 1.58 10.88 4.16
C ASN A 6 0.85 10.54 2.86
N ILE A 7 1.27 9.44 2.21
CA ILE A 7 0.64 8.87 1.01
C ILE A 7 -0.73 8.24 1.37
N HIS A 8 -1.73 8.40 0.48
CA HIS A 8 -3.11 7.95 0.68
C HIS A 8 -3.76 7.40 -0.61
N PHE A 9 -3.50 6.13 -0.93
CA PHE A 9 -4.17 5.44 -2.05
C PHE A 9 -5.65 5.13 -1.73
N SER A 10 -6.55 5.40 -2.69
CA SER A 10 -7.97 5.00 -2.59
C SER A 10 -8.15 3.47 -2.70
N SER A 11 -7.29 2.80 -3.48
CA SER A 11 -7.28 1.34 -3.67
C SER A 11 -5.92 0.83 -4.18
N CYS A 12 -5.67 -0.47 -4.04
CA CYS A 12 -4.53 -1.15 -4.68
C CYS A 12 -4.55 -1.10 -6.22
N LYS A 13 -5.72 -0.90 -6.87
CA LYS A 13 -5.82 -0.75 -8.33
C LYS A 13 -5.00 0.45 -8.83
N GLU A 14 -5.05 1.58 -8.11
CA GLU A 14 -4.26 2.78 -8.40
C GLU A 14 -2.77 2.54 -8.13
N ALA A 15 -2.44 1.82 -7.06
CA ALA A 15 -1.06 1.45 -6.72
C ALA A 15 -0.43 0.54 -7.80
N TRP A 16 -1.12 -0.52 -8.23
CA TRP A 16 -0.68 -1.41 -9.31
C TRP A 16 -0.47 -0.69 -10.65
N ALA A 17 -1.31 0.29 -11.00
CA ALA A 17 -1.13 1.13 -12.20
C ALA A 17 0.17 1.98 -12.17
N ASN A 18 0.77 2.19 -10.99
CA ASN A 18 2.06 2.84 -10.79
C ASN A 18 3.21 1.85 -10.54
N GLY A 19 2.94 0.53 -10.60
CA GLY A 19 3.92 -0.54 -10.40
C GLY A 19 4.17 -0.93 -8.94
N TYR A 20 3.42 -0.36 -7.99
CA TYR A 20 3.56 -0.64 -6.55
C TYR A 20 3.00 -2.04 -6.26
N SER A 21 3.86 -2.94 -5.78
CA SER A 21 3.53 -4.34 -5.48
C SER A 21 4.46 -4.94 -4.42
N ASP A 22 4.03 -6.06 -3.82
CA ASP A 22 4.74 -6.78 -2.74
C ASP A 22 5.21 -5.84 -1.60
N ILE A 23 4.36 -4.87 -1.25
CA ILE A 23 4.63 -3.82 -0.24
C ILE A 23 4.96 -4.46 1.11
N HIS A 24 6.10 -4.08 1.70
CA HIS A 24 6.54 -4.47 3.04
C HIS A 24 6.37 -3.33 4.06
N GLU A 25 6.55 -3.63 5.34
CA GLU A 25 6.48 -2.65 6.44
C GLU A 25 7.33 -1.39 6.17
N GLY A 26 6.71 -0.21 6.28
CA GLY A 26 7.34 1.10 6.06
C GLY A 26 7.08 1.69 4.67
N GLU A 27 6.78 0.87 3.66
CA GLU A 27 6.31 1.34 2.35
C GLU A 27 4.82 1.75 2.40
N PRO A 28 4.38 2.67 1.51
CA PRO A 28 3.02 3.19 1.51
C PRO A 28 2.00 2.13 1.09
N GLY A 29 0.94 1.99 1.88
CA GLY A 29 -0.17 1.05 1.64
C GLY A 29 -0.10 -0.26 2.44
N TYR A 30 0.99 -0.51 3.19
CA TYR A 30 1.11 -1.63 4.13
C TYR A 30 0.01 -1.66 5.21
N SER A 31 -0.55 -0.48 5.52
CA SER A 31 -1.57 -0.26 6.55
C SER A 31 -2.91 -0.95 6.25
N ALA A 32 -3.69 -1.17 7.32
CA ALA A 32 -5.07 -1.66 7.24
C ALA A 32 -6.02 -0.72 6.46
N LYS A 33 -5.62 0.54 6.23
CA LYS A 33 -6.31 1.51 5.38
C LYS A 33 -6.37 1.09 3.90
N LEU A 34 -5.45 0.23 3.44
CA LEU A 34 -5.38 -0.28 2.07
C LEU A 34 -5.63 -1.79 2.02
N ASP A 35 -5.00 -2.54 2.91
CA ASP A 35 -5.00 -4.00 2.93
C ASP A 35 -6.11 -4.53 3.87
N ARG A 36 -7.31 -4.78 3.33
CA ARG A 36 -8.49 -5.24 4.10
C ARG A 36 -8.25 -6.49 4.95
N ASP A 37 -7.37 -7.38 4.47
CA ASP A 37 -6.94 -8.61 5.14
C ASP A 37 -5.80 -8.40 6.17
N HIS A 38 -5.19 -7.21 6.19
CA HIS A 38 -4.04 -6.78 7.01
C HIS A 38 -3.03 -7.90 7.35
N ASP A 39 -2.58 -8.62 6.33
CA ASP A 39 -1.67 -9.78 6.44
C ASP A 39 -0.17 -9.40 6.40
N GLY A 40 0.13 -8.10 6.40
CA GLY A 40 1.51 -7.57 6.33
C GLY A 40 2.09 -7.53 4.91
N VAL A 41 1.26 -7.75 3.88
CA VAL A 41 1.64 -7.59 2.47
C VAL A 41 0.51 -6.87 1.74
N ALA A 42 0.79 -5.74 1.10
CA ALA A 42 -0.23 -5.00 0.36
C ALA A 42 0.06 -4.98 -1.15
N CYS A 43 -1.01 -4.92 -1.95
CA CYS A 43 -1.00 -5.01 -3.41
C CYS A 43 -0.11 -6.15 -3.93
N GLU A 44 -0.20 -7.32 -3.27
CA GLU A 44 0.53 -8.56 -3.59
C GLU A 44 0.36 -9.02 -5.06
N LEU A 45 1.44 -9.50 -5.69
CA LEU A 45 1.43 -10.07 -7.05
C LEU A 45 2.02 -11.49 -7.13
N LYS A 46 2.99 -11.84 -6.26
CA LYS A 46 3.60 -13.18 -6.19
C LYS A 46 2.62 -14.20 -5.58
N ASN A 47 1.90 -14.92 -6.45
CA ASN A 47 0.89 -15.94 -6.09
C ASN A 47 1.50 -17.14 -5.34
CA CA B . -2.70 -8.53 1.86
N GLY A 1 4.72 22.58 14.88
CA GLY A 1 3.36 22.25 14.39
C GLY A 1 3.19 20.73 14.24
N ALA A 2 2.65 20.29 13.10
CA ALA A 2 2.50 18.88 12.72
C ALA A 2 2.65 18.70 11.20
N SER A 3 3.16 17.53 10.78
CA SER A 3 3.52 17.23 9.37
C SER A 3 3.21 15.76 9.06
N GLU A 4 2.14 15.51 8.31
CA GLU A 4 1.60 14.18 7.99
C GLU A 4 1.26 14.04 6.50
N GLU A 5 2.20 14.46 5.64
CA GLU A 5 2.12 14.37 4.18
C GLU A 5 2.43 12.94 3.64
N ASN A 6 2.08 11.91 4.42
CA ASN A 6 2.22 10.51 4.03
C ASN A 6 1.46 10.15 2.74
N ILE A 7 1.91 9.08 2.08
CA ILE A 7 1.28 8.54 0.87
C ILE A 7 -0.09 7.93 1.23
N HIS A 8 -1.08 8.27 0.42
CA HIS A 8 -2.49 7.87 0.57
C HIS A 8 -3.04 7.44 -0.80
N PHE A 9 -3.25 6.14 -0.99
CA PHE A 9 -3.83 5.56 -2.20
C PHE A 9 -5.30 5.18 -1.95
N SER A 10 -6.17 5.48 -2.92
CA SER A 10 -7.61 5.18 -2.84
C SER A 10 -7.89 3.67 -2.84
N SER A 11 -7.07 2.88 -3.54
CA SER A 11 -7.12 1.41 -3.61
C SER A 11 -5.81 0.85 -4.19
N CYS A 12 -5.49 -0.42 -3.91
CA CYS A 12 -4.42 -1.16 -4.61
C CYS A 12 -4.55 -1.17 -6.14
N LYS A 13 -5.75 -0.99 -6.72
CA LYS A 13 -5.92 -0.85 -8.19
C LYS A 13 -5.12 0.33 -8.76
N GLU A 14 -5.08 1.46 -8.03
CA GLU A 14 -4.28 2.63 -8.40
C GLU A 14 -2.77 2.39 -8.18
N ALA A 15 -2.42 1.67 -7.12
CA ALA A 15 -1.04 1.30 -6.80
C ALA A 15 -0.41 0.42 -7.90
N TRP A 16 -1.10 -0.65 -8.34
CA TRP A 16 -0.66 -1.50 -9.45
C TRP A 16 -0.48 -0.74 -10.77
N ALA A 17 -1.29 0.29 -11.04
CA ALA A 17 -1.14 1.16 -12.20
C ALA A 17 0.19 1.97 -12.20
N ASN A 18 0.79 2.16 -11.02
CA ASN A 18 2.10 2.80 -10.81
C ASN A 18 3.24 1.76 -10.59
N GLY A 19 2.95 0.47 -10.70
CA GLY A 19 3.89 -0.64 -10.49
C GLY A 19 4.09 -1.05 -9.02
N TYR A 20 3.33 -0.47 -8.08
CA TYR A 20 3.45 -0.77 -6.65
C TYR A 20 2.81 -2.14 -6.36
N SER A 21 3.67 -3.13 -6.11
CA SER A 21 3.30 -4.52 -5.80
C SER A 21 4.27 -5.13 -4.79
N ASP A 22 3.85 -6.23 -4.15
CA ASP A 22 4.62 -6.95 -3.11
C ASP A 22 5.15 -6.03 -1.98
N ILE A 23 4.36 -5.02 -1.58
CA ILE A 23 4.71 -4.02 -0.56
C ILE A 23 5.02 -4.73 0.77
N HIS A 24 6.21 -4.44 1.33
CA HIS A 24 6.69 -4.91 2.64
C HIS A 24 6.64 -3.80 3.70
N GLU A 25 6.91 -4.14 4.95
CA GLU A 25 6.94 -3.20 6.08
C GLU A 25 7.85 -1.98 5.81
N GLY A 26 7.32 -0.78 6.02
CA GLY A 26 8.01 0.51 5.79
C GLY A 26 7.68 1.17 4.45
N GLU A 27 7.23 0.41 3.44
CA GLU A 27 6.76 0.95 2.16
C GLU A 27 5.29 1.45 2.24
N PRO A 28 4.90 2.41 1.40
CA PRO A 28 3.57 3.00 1.42
C PRO A 28 2.49 1.98 1.03
N GLY A 29 1.46 1.87 1.87
CA GLY A 29 0.32 0.98 1.66
C GLY A 29 0.36 -0.32 2.47
N TYR A 30 1.47 -0.63 3.15
CA TYR A 30 1.57 -1.77 4.07
C TYR A 30 0.50 -1.77 5.19
N SER A 31 0.05 -0.57 5.56
CA SER A 31 -0.90 -0.36 6.66
C SER A 31 -2.32 -0.86 6.35
N ALA A 32 -3.10 -1.07 7.41
CA ALA A 32 -4.52 -1.42 7.33
C ALA A 32 -5.39 -0.40 6.55
N LYS A 33 -4.90 0.86 6.38
CA LYS A 33 -5.54 1.88 5.52
C LYS A 33 -5.68 1.47 4.04
N LEU A 34 -4.83 0.55 3.56
CA LEU A 34 -4.81 0.06 2.18
C LEU A 34 -5.23 -1.41 2.11
N ASP A 35 -4.68 -2.24 3.01
CA ASP A 35 -4.86 -3.69 3.00
C ASP A 35 -5.99 -4.08 3.96
N ARG A 36 -7.22 -4.21 3.43
CA ARG A 36 -8.44 -4.56 4.18
C ARG A 36 -8.31 -5.82 5.05
N ASP A 37 -7.52 -6.79 4.60
CA ASP A 37 -7.21 -8.06 5.27
C ASP A 37 -6.07 -7.93 6.32
N HIS A 38 -5.36 -6.80 6.36
CA HIS A 38 -4.15 -6.49 7.15
C HIS A 38 -3.24 -7.71 7.43
N ASP A 39 -2.91 -8.46 6.38
CA ASP A 39 -2.05 -9.66 6.43
C ASP A 39 -0.54 -9.35 6.39
N GLY A 40 -0.17 -8.06 6.46
CA GLY A 40 1.23 -7.60 6.39
C GLY A 40 1.82 -7.57 4.98
N VAL A 41 0.98 -7.68 3.94
CA VAL A 41 1.39 -7.55 2.53
C VAL A 41 0.31 -6.77 1.79
N ALA A 42 0.71 -5.72 1.08
CA ALA A 42 -0.22 -4.93 0.29
C ALA A 42 0.08 -5.04 -1.22
N CYS A 43 -1.00 -5.07 -2.01
CA CYS A 43 -1.01 -5.24 -3.46
C CYS A 43 -0.13 -6.42 -3.95
N GLU A 44 -0.22 -7.56 -3.23
CA GLU A 44 0.47 -8.83 -3.50
C GLU A 44 0.30 -9.39 -4.93
N LEU A 45 1.32 -10.09 -5.46
CA LEU A 45 1.30 -10.76 -6.79
C LEU A 45 1.57 -12.27 -6.74
N LYS A 46 2.43 -12.74 -5.83
CA LYS A 46 2.76 -14.17 -5.64
C LYS A 46 1.89 -14.80 -4.53
N ASN A 47 0.59 -14.90 -4.80
CA ASN A 47 -0.43 -15.47 -3.89
C ASN A 47 -0.05 -16.86 -3.33
CA CA B . -3.02 -8.49 1.76
N GLY A 1 9.91 10.72 9.52
CA GLY A 1 10.39 12.00 10.11
C GLY A 1 9.25 12.98 10.36
N ALA A 2 9.59 14.22 10.76
CA ALA A 2 8.62 15.27 11.11
C ALA A 2 7.77 15.76 9.91
N SER A 3 8.31 15.66 8.70
CA SER A 3 7.73 16.15 7.44
C SER A 3 7.55 15.00 6.43
N GLU A 4 6.78 13.98 6.85
CA GLU A 4 6.49 12.78 6.08
C GLU A 4 5.04 12.81 5.57
N GLU A 5 4.86 13.23 4.31
CA GLU A 5 3.57 13.24 3.61
C GLU A 5 2.94 11.83 3.53
N ASN A 6 1.93 11.56 4.37
CA ASN A 6 1.23 10.27 4.41
C ASN A 6 0.52 10.00 3.07
N ILE A 7 0.95 8.94 2.37
CA ILE A 7 0.35 8.49 1.11
C ILE A 7 -0.96 7.74 1.39
N HIS A 8 -2.03 8.12 0.68
CA HIS A 8 -3.36 7.51 0.77
C HIS A 8 -3.89 7.20 -0.63
N PHE A 9 -3.77 5.93 -1.04
CA PHE A 9 -4.39 5.40 -2.25
C PHE A 9 -5.84 4.98 -1.98
N SER A 10 -6.74 5.22 -2.94
CA SER A 10 -8.14 4.79 -2.88
C SER A 10 -8.32 3.26 -2.97
N SER A 11 -7.39 2.57 -3.65
CA SER A 11 -7.36 1.11 -3.83
C SER A 11 -6.00 0.65 -4.36
N CYS A 12 -5.62 -0.61 -4.11
CA CYS A 12 -4.48 -1.25 -4.78
C CYS A 12 -4.56 -1.23 -6.32
N LYS A 13 -5.75 -1.09 -6.90
CA LYS A 13 -5.94 -0.95 -8.37
C LYS A 13 -5.21 0.28 -8.94
N GLU A 14 -5.21 1.39 -8.20
CA GLU A 14 -4.46 2.60 -8.52
C GLU A 14 -2.94 2.43 -8.24
N ALA A 15 -2.60 1.71 -7.17
CA ALA A 15 -1.21 1.42 -6.79
C ALA A 15 -0.50 0.56 -7.86
N TRP A 16 -1.13 -0.52 -8.33
CA TRP A 16 -0.61 -1.39 -9.39
C TRP A 16 -0.39 -0.66 -10.73
N ALA A 17 -1.24 0.31 -11.07
CA ALA A 17 -1.05 1.17 -12.26
C ALA A 17 0.21 2.06 -12.18
N ASN A 18 0.76 2.28 -10.97
CA ASN A 18 2.03 2.97 -10.70
C ASN A 18 3.19 2.00 -10.40
N GLY A 19 2.96 0.69 -10.46
CA GLY A 19 3.95 -0.35 -10.17
C GLY A 19 4.13 -0.69 -8.68
N TYR A 20 3.30 -0.15 -7.80
CA TYR A 20 3.34 -0.40 -6.35
C TYR A 20 2.77 -1.78 -6.05
N SER A 21 3.66 -2.76 -5.85
CA SER A 21 3.36 -4.17 -5.59
C SER A 21 4.35 -4.76 -4.57
N ASP A 22 3.95 -5.85 -3.91
CA ASP A 22 4.73 -6.57 -2.88
C ASP A 22 5.27 -5.62 -1.78
N ILE A 23 4.43 -4.66 -1.38
CA ILE A 23 4.73 -3.63 -0.37
C ILE A 23 5.13 -4.31 0.96
N HIS A 24 6.34 -4.01 1.44
CA HIS A 24 6.87 -4.48 2.73
C HIS A 24 6.65 -3.46 3.86
N GLU A 25 6.94 -3.84 5.10
CA GLU A 25 6.74 -2.98 6.27
C GLU A 25 7.55 -1.67 6.16
N GLY A 26 6.89 -0.52 6.33
CA GLY A 26 7.48 0.81 6.21
C GLY A 26 7.21 1.50 4.85
N GLU A 27 6.88 0.74 3.80
CA GLU A 27 6.46 1.30 2.50
C GLU A 27 4.98 1.75 2.51
N PRO A 28 4.60 2.71 1.64
CA PRO A 28 3.25 3.27 1.60
C PRO A 28 2.22 2.23 1.15
N GLY A 29 1.21 2.02 2.00
CA GLY A 29 0.10 1.09 1.76
C GLY A 29 0.16 -0.19 2.59
N TYR A 30 1.25 -0.44 3.34
CA TYR A 30 1.35 -1.56 4.28
C TYR A 30 0.23 -1.54 5.36
N SER A 31 -0.26 -0.34 5.70
CA SER A 31 -1.27 -0.12 6.73
C SER A 31 -2.66 -0.67 6.34
N ALA A 32 -3.49 -0.97 7.35
CA ALA A 32 -4.88 -1.40 7.18
C ALA A 32 -5.77 -0.42 6.36
N LYS A 33 -5.34 0.84 6.22
CA LYS A 33 -5.92 1.86 5.31
C LYS A 33 -5.95 1.45 3.83
N LEU A 34 -5.08 0.52 3.42
CA LEU A 34 -4.97 0.00 2.06
C LEU A 34 -5.32 -1.50 1.99
N ASP A 35 -4.79 -2.28 2.93
CA ASP A 35 -4.90 -3.74 2.92
C ASP A 35 -6.00 -4.19 3.89
N ARG A 36 -7.24 -4.34 3.37
CA ARG A 36 -8.44 -4.73 4.14
C ARG A 36 -8.26 -6.01 4.97
N ASP A 37 -7.46 -6.95 4.46
CA ASP A 37 -7.10 -8.23 5.09
C ASP A 37 -5.99 -8.11 6.15
N HIS A 38 -5.28 -6.98 6.21
CA HIS A 38 -4.13 -6.63 7.07
C HIS A 38 -3.18 -7.81 7.36
N ASP A 39 -2.82 -8.57 6.32
CA ASP A 39 -1.93 -9.73 6.38
C ASP A 39 -0.43 -9.37 6.39
N GLY A 40 -0.10 -8.07 6.43
CA GLY A 40 1.27 -7.55 6.41
C GLY A 40 1.89 -7.45 5.01
N VAL A 41 1.09 -7.62 3.95
CA VAL A 41 1.51 -7.44 2.54
C VAL A 41 0.41 -6.71 1.80
N ALA A 42 0.76 -5.60 1.15
CA ALA A 42 -0.18 -4.82 0.37
C ALA A 42 0.14 -4.91 -1.13
N CYS A 43 -0.92 -4.98 -1.94
CA CYS A 43 -0.90 -5.13 -3.40
C CYS A 43 0.03 -6.27 -3.90
N GLU A 44 -0.01 -7.40 -3.21
CA GLU A 44 0.72 -8.64 -3.50
C GLU A 44 0.55 -9.17 -4.95
N LEU A 45 1.63 -9.69 -5.58
CA LEU A 45 1.60 -10.30 -6.92
C LEU A 45 1.98 -11.80 -6.96
N LYS A 46 2.90 -12.26 -6.10
CA LYS A 46 3.27 -13.69 -5.95
C LYS A 46 2.06 -14.55 -5.55
N ASN A 47 1.55 -15.35 -6.49
CA ASN A 47 0.44 -16.29 -6.30
C ASN A 47 0.84 -17.49 -5.41
CA CA B . -2.81 -8.43 1.75
N GLY A 1 1.32 24.91 8.10
CA GLY A 1 1.24 25.18 6.64
C GLY A 1 2.36 24.47 5.89
N ALA A 2 2.14 23.21 5.49
CA ALA A 2 3.08 22.39 4.71
C ALA A 2 2.36 21.28 3.91
N SER A 3 3.05 20.73 2.90
CA SER A 3 2.60 19.54 2.16
C SER A 3 2.62 18.28 3.04
N GLU A 4 1.59 17.44 2.92
CA GLU A 4 1.50 16.13 3.61
C GLU A 4 2.53 15.12 3.07
N GLU A 5 3.30 14.51 3.96
CA GLU A 5 4.30 13.48 3.61
C GLU A 5 3.70 12.05 3.60
N ASN A 6 2.62 11.80 4.35
CA ASN A 6 1.95 10.50 4.43
C ASN A 6 1.19 10.15 3.13
N ILE A 7 1.60 9.05 2.50
CA ILE A 7 0.97 8.50 1.29
C ILE A 7 -0.37 7.84 1.64
N HIS A 8 -1.39 8.13 0.81
CA HIS A 8 -2.79 7.73 1.02
C HIS A 8 -3.44 7.27 -0.30
N PHE A 9 -3.28 6.00 -0.64
CA PHE A 9 -3.91 5.38 -1.81
C PHE A 9 -5.40 5.07 -1.56
N SER A 10 -6.27 5.47 -2.49
CA SER A 10 -7.71 5.13 -2.46
C SER A 10 -7.98 3.62 -2.65
N SER A 11 -7.13 2.96 -3.45
CA SER A 11 -7.18 1.52 -3.75
C SER A 11 -5.82 1.02 -4.25
N CYS A 12 -5.50 -0.25 -4.01
CA CYS A 12 -4.37 -0.95 -4.66
C CYS A 12 -4.41 -0.89 -6.20
N LYS A 13 -5.57 -0.70 -6.85
CA LYS A 13 -5.66 -0.52 -8.31
C LYS A 13 -4.83 0.68 -8.82
N GLU A 14 -4.81 1.77 -8.07
CA GLU A 14 -4.00 2.95 -8.37
C GLU A 14 -2.51 2.73 -8.07
N ALA A 15 -2.19 1.96 -7.02
CA ALA A 15 -0.84 1.58 -6.66
C ALA A 15 -0.20 0.65 -7.73
N TRP A 16 -0.91 -0.40 -8.15
CA TRP A 16 -0.48 -1.33 -9.21
C TRP A 16 -0.19 -0.64 -10.54
N ALA A 17 -0.98 0.37 -10.92
CA ALA A 17 -0.75 1.18 -12.13
C ALA A 17 0.59 1.96 -12.10
N ASN A 18 1.11 2.27 -10.91
CA ASN A 18 2.43 2.87 -10.68
C ASN A 18 3.55 1.83 -10.43
N GLY A 19 3.24 0.53 -10.46
CA GLY A 19 4.18 -0.57 -10.22
C GLY A 19 4.39 -0.93 -8.74
N TYR A 20 3.54 -0.43 -7.84
CA TYR A 20 3.61 -0.72 -6.40
C TYR A 20 3.00 -2.11 -6.14
N SER A 21 3.86 -3.10 -5.96
CA SER A 21 3.51 -4.49 -5.64
C SER A 21 4.43 -5.06 -4.55
N ASP A 22 4.03 -6.19 -3.96
CA ASP A 22 4.78 -6.91 -2.90
C ASP A 22 5.21 -5.99 -1.72
N ILE A 23 4.36 -5.02 -1.36
CA ILE A 23 4.62 -4.03 -0.29
C ILE A 23 4.93 -4.76 1.04
N HIS A 24 6.10 -4.47 1.61
CA HIS A 24 6.57 -4.94 2.93
C HIS A 24 6.44 -3.85 4.01
N GLU A 25 6.71 -4.19 5.27
CA GLU A 25 6.68 -3.25 6.39
C GLU A 25 7.56 -2.00 6.13
N GLY A 26 7.00 -0.81 6.35
CA GLY A 26 7.66 0.49 6.15
C GLY A 26 7.39 1.15 4.80
N GLU A 27 7.00 0.38 3.77
CA GLU A 27 6.53 0.92 2.48
C GLU A 27 5.06 1.42 2.58
N PRO A 28 4.65 2.37 1.73
CA PRO A 28 3.32 2.95 1.75
C PRO A 28 2.25 1.93 1.35
N GLY A 29 1.21 1.80 2.18
CA GLY A 29 0.08 0.91 1.95
C GLY A 29 0.14 -0.41 2.72
N TYR A 30 1.25 -0.72 3.41
CA TYR A 30 1.35 -1.86 4.32
C TYR A 30 0.27 -1.85 5.43
N SER A 31 -0.18 -0.65 5.82
CA SER A 31 -1.18 -0.42 6.86
C SER A 31 -2.58 -0.97 6.50
N ALA A 32 -3.37 -1.29 7.54
CA ALA A 32 -4.76 -1.73 7.40
C ALA A 32 -5.67 -0.73 6.64
N LYS A 33 -5.26 0.54 6.55
CA LYS A 33 -5.85 1.61 5.72
C LYS A 33 -5.94 1.25 4.22
N LEU A 34 -5.07 0.36 3.73
CA LEU A 34 -5.01 -0.08 2.32
C LEU A 34 -5.37 -1.56 2.18
N ASP A 35 -4.88 -2.40 3.10
CA ASP A 35 -5.02 -3.84 3.04
C ASP A 35 -6.09 -4.31 4.04
N ARG A 36 -7.33 -4.46 3.58
CA ARG A 36 -8.50 -4.87 4.40
C ARG A 36 -8.28 -6.20 5.13
N ASP A 37 -7.60 -7.14 4.48
CA ASP A 37 -7.18 -8.43 5.08
C ASP A 37 -6.03 -8.30 6.11
N HIS A 38 -5.35 -7.14 6.15
CA HIS A 38 -4.17 -6.80 6.98
C HIS A 38 -3.21 -7.98 7.23
N ASP A 39 -2.87 -8.71 6.17
CA ASP A 39 -2.00 -9.89 6.22
C ASP A 39 -0.48 -9.57 6.18
N GLY A 40 -0.12 -8.29 6.31
CA GLY A 40 1.25 -7.79 6.24
C GLY A 40 1.82 -7.73 4.82
N VAL A 41 0.96 -7.83 3.79
CA VAL A 41 1.33 -7.66 2.37
C VAL A 41 0.24 -6.86 1.70
N ALA A 42 0.60 -5.73 1.09
CA ALA A 42 -0.33 -4.92 0.33
C ALA A 42 -0.02 -4.99 -1.17
N CYS A 43 -1.07 -4.93 -1.97
CA CYS A 43 -1.06 -5.01 -3.43
C CYS A 43 -0.22 -6.20 -3.98
N GLU A 44 -0.40 -7.39 -3.40
CA GLU A 44 0.23 -8.65 -3.81
C GLU A 44 -0.09 -9.08 -5.26
N LEU A 45 0.87 -9.73 -5.95
CA LEU A 45 0.77 -10.20 -7.36
C LEU A 45 1.16 -11.70 -7.53
N LYS A 46 1.09 -12.47 -6.44
CA LYS A 46 1.55 -13.88 -6.37
C LYS A 46 0.50 -14.88 -5.85
N ASN A 47 -0.78 -14.48 -5.89
CA ASN A 47 -1.96 -15.31 -5.59
C ASN A 47 -2.02 -16.61 -6.42
CA CA B . -3.01 -8.49 1.63
N GLY A 1 2.90 20.85 16.03
CA GLY A 1 2.51 21.10 14.63
C GLY A 1 3.61 20.68 13.67
N ALA A 2 3.32 19.70 12.82
CA ALA A 2 4.20 19.18 11.76
C ALA A 2 3.47 19.13 10.41
N SER A 3 4.25 19.14 9.32
CA SER A 3 3.75 18.99 7.94
C SER A 3 3.14 17.59 7.70
N GLU A 4 2.43 17.43 6.58
CA GLU A 4 1.86 16.14 6.15
C GLU A 4 2.67 15.60 4.94
N GLU A 5 3.30 14.43 5.11
CA GLU A 5 4.10 13.75 4.08
C GLU A 5 3.82 12.24 3.97
N ASN A 6 2.63 11.82 4.42
CA ASN A 6 2.13 10.43 4.34
C ASN A 6 1.39 10.16 3.02
N ILE A 7 1.64 9.00 2.40
CA ILE A 7 0.98 8.57 1.15
C ILE A 7 -0.39 7.95 1.45
N HIS A 8 -1.39 8.25 0.62
CA HIS A 8 -2.78 7.77 0.74
C HIS A 8 -3.33 7.35 -0.64
N PHE A 9 -3.18 6.08 -0.99
CA PHE A 9 -3.86 5.48 -2.15
C PHE A 9 -5.36 5.25 -1.86
N SER A 10 -6.22 5.49 -2.85
CA SER A 10 -7.67 5.20 -2.74
C SER A 10 -8.01 3.71 -2.94
N SER A 11 -7.14 2.96 -3.60
CA SER A 11 -7.24 1.51 -3.85
C SER A 11 -5.91 0.95 -4.37
N CYS A 12 -5.64 -0.34 -4.13
CA CYS A 12 -4.51 -1.05 -4.76
C CYS A 12 -4.54 -1.02 -6.30
N LYS A 13 -5.71 -0.83 -6.93
CA LYS A 13 -5.86 -0.59 -8.38
C LYS A 13 -4.99 0.57 -8.90
N GLU A 14 -4.93 1.66 -8.14
CA GLU A 14 -4.10 2.84 -8.46
C GLU A 14 -2.61 2.60 -8.15
N ALA A 15 -2.31 1.84 -7.09
CA ALA A 15 -0.95 1.43 -6.73
C ALA A 15 -0.33 0.51 -7.81
N TRP A 16 -1.07 -0.53 -8.25
CA TRP A 16 -0.66 -1.44 -9.33
C TRP A 16 -0.42 -0.72 -10.66
N ALA A 17 -1.21 0.31 -10.99
CA ALA A 17 -0.99 1.15 -12.19
C ALA A 17 0.35 1.92 -12.17
N ASN A 18 0.96 2.10 -10.99
CA ASN A 18 2.29 2.68 -10.78
C ASN A 18 3.38 1.62 -10.51
N GLY A 19 3.04 0.33 -10.56
CA GLY A 19 3.96 -0.79 -10.33
C GLY A 19 4.22 -1.12 -8.84
N TYR A 20 3.42 -0.60 -7.92
CA TYR A 20 3.53 -0.88 -6.48
C TYR A 20 2.92 -2.26 -6.17
N SER A 21 3.78 -3.24 -5.90
CA SER A 21 3.41 -4.63 -5.59
C SER A 21 4.41 -5.28 -4.61
N ASP A 22 3.99 -6.36 -3.93
CA ASP A 22 4.73 -6.99 -2.83
C ASP A 22 5.22 -5.97 -1.78
N ILE A 23 4.34 -5.03 -1.41
CA ILE A 23 4.60 -4.00 -0.39
C ILE A 23 4.91 -4.70 0.95
N HIS A 24 6.10 -4.46 1.50
CA HIS A 24 6.53 -4.91 2.84
C HIS A 24 6.40 -3.78 3.86
N GLU A 25 6.64 -4.06 5.15
CA GLU A 25 6.70 -3.06 6.22
C GLU A 25 7.57 -1.84 5.85
N GLY A 26 7.08 -0.64 6.18
CA GLY A 26 7.74 0.65 5.90
C GLY A 26 7.46 1.25 4.52
N GLU A 27 7.10 0.43 3.52
CA GLU A 27 6.59 0.93 2.22
C GLU A 27 5.13 1.45 2.34
N PRO A 28 4.71 2.40 1.49
CA PRO A 28 3.37 2.99 1.54
C PRO A 28 2.31 1.95 1.16
N GLY A 29 1.24 1.88 1.96
CA GLY A 29 0.10 0.99 1.74
C GLY A 29 0.14 -0.33 2.52
N TYR A 30 1.24 -0.64 3.22
CA TYR A 30 1.33 -1.79 4.14
C TYR A 30 0.25 -1.76 5.26
N SER A 31 -0.21 -0.56 5.61
CA SER A 31 -1.19 -0.30 6.66
C SER A 31 -2.58 -0.88 6.37
N ALA A 32 -3.35 -1.13 7.44
CA ALA A 32 -4.76 -1.56 7.36
C ALA A 32 -5.67 -0.56 6.59
N LYS A 33 -5.23 0.69 6.44
CA LYS A 33 -5.85 1.73 5.59
C LYS A 33 -5.96 1.34 4.10
N LEU A 34 -5.12 0.41 3.63
CA LEU A 34 -5.08 -0.09 2.24
C LEU A 34 -5.39 -1.58 2.15
N ASP A 35 -4.86 -2.38 3.07
CA ASP A 35 -4.94 -3.84 3.06
C ASP A 35 -5.98 -4.32 4.08
N ARG A 36 -7.24 -4.49 3.64
CA ARG A 36 -8.40 -4.88 4.46
C ARG A 36 -8.20 -6.19 5.23
N ASP A 37 -7.50 -7.15 4.62
CA ASP A 37 -7.06 -8.41 5.24
C ASP A 37 -5.89 -8.26 6.24
N HIS A 38 -5.21 -7.09 6.25
CA HIS A 38 -4.00 -6.74 7.02
C HIS A 38 -3.05 -7.91 7.33
N ASP A 39 -2.70 -8.66 6.28
CA ASP A 39 -1.83 -9.85 6.34
C ASP A 39 -0.32 -9.53 6.27
N GLY A 40 0.05 -8.25 6.27
CA GLY A 40 1.44 -7.78 6.17
C GLY A 40 1.98 -7.71 4.74
N VAL A 41 1.13 -7.90 3.72
CA VAL A 41 1.48 -7.75 2.30
C VAL A 41 0.36 -6.99 1.62
N ALA A 42 0.66 -5.80 1.09
CA ALA A 42 -0.32 -5.01 0.36
C ALA A 42 -0.07 -5.04 -1.16
N CYS A 43 -1.16 -4.95 -1.92
CA CYS A 43 -1.19 -5.05 -3.38
C CYS A 43 -0.36 -6.24 -3.94
N GLU A 44 -0.52 -7.41 -3.31
CA GLU A 44 0.15 -8.67 -3.69
C GLU A 44 -0.10 -9.09 -5.16
N LEU A 45 0.92 -9.69 -5.81
CA LEU A 45 0.84 -10.22 -7.19
C LEU A 45 1.30 -11.68 -7.34
N LYS A 46 2.30 -12.13 -6.58
CA LYS A 46 2.80 -13.52 -6.58
C LYS A 46 1.86 -14.40 -5.75
N ASN A 47 1.03 -15.21 -6.42
CA ASN A 47 0.10 -16.18 -5.79
C ASN A 47 0.83 -17.24 -4.95
CA CA B . -2.93 -8.52 1.74
N GLY A 1 5.53 20.14 -1.52
CA GLY A 1 5.98 20.33 -0.12
C GLY A 1 4.81 20.61 0.82
N ALA A 2 4.08 19.56 1.24
CA ALA A 2 2.98 19.66 2.20
C ALA A 2 3.47 19.59 3.67
N SER A 3 2.57 19.85 4.62
CA SER A 3 2.84 19.79 6.07
C SER A 3 3.14 18.38 6.62
N GLU A 4 2.86 17.33 5.84
CA GLU A 4 3.19 15.93 6.11
C GLU A 4 3.57 15.19 4.82
N GLU A 5 4.15 13.99 4.94
CA GLU A 5 4.70 13.20 3.82
C GLU A 5 4.07 11.78 3.73
N ASN A 6 2.96 11.56 4.43
CA ASN A 6 2.16 10.33 4.36
C ASN A 6 1.52 10.16 2.97
N ILE A 7 1.31 8.90 2.55
CA ILE A 7 0.70 8.53 1.26
C ILE A 7 -0.68 7.90 1.48
N HIS A 8 -1.63 8.25 0.60
CA HIS A 8 -3.07 7.95 0.72
C HIS A 8 -3.67 7.51 -0.64
N PHE A 9 -3.24 6.35 -1.15
CA PHE A 9 -3.92 5.69 -2.29
C PHE A 9 -5.39 5.39 -1.97
N SER A 10 -6.26 5.48 -2.99
CA SER A 10 -7.68 5.12 -2.85
C SER A 10 -7.89 3.60 -2.70
N SER A 11 -7.19 2.82 -3.54
CA SER A 11 -7.23 1.34 -3.60
C SER A 11 -5.93 0.79 -4.20
N CYS A 12 -5.63 -0.50 -3.97
CA CYS A 12 -4.51 -1.20 -4.63
C CYS A 12 -4.57 -1.20 -6.17
N LYS A 13 -5.75 -1.02 -6.78
CA LYS A 13 -5.91 -0.87 -8.24
C LYS A 13 -5.14 0.33 -8.80
N GLU A 14 -5.11 1.44 -8.05
CA GLU A 14 -4.29 2.63 -8.35
C GLU A 14 -2.80 2.40 -8.05
N ALA A 15 -2.48 1.65 -6.99
CA ALA A 15 -1.10 1.27 -6.65
C ALA A 15 -0.45 0.42 -7.75
N TRP A 16 -1.12 -0.63 -8.23
CA TRP A 16 -0.65 -1.46 -9.35
C TRP A 16 -0.47 -0.68 -10.66
N ALA A 17 -1.30 0.34 -10.93
CA ALA A 17 -1.13 1.23 -12.08
C ALA A 17 0.16 2.09 -12.02
N ASN A 18 0.76 2.23 -10.83
CA ASN A 18 2.06 2.87 -10.59
C ASN A 18 3.20 1.85 -10.36
N GLY A 19 2.92 0.55 -10.48
CA GLY A 19 3.88 -0.53 -10.25
C GLY A 19 4.17 -0.87 -8.77
N TYR A 20 3.35 -0.35 -7.84
CA TYR A 20 3.48 -0.62 -6.41
C TYR A 20 2.85 -2.00 -6.10
N SER A 21 3.70 -2.99 -5.80
CA SER A 21 3.32 -4.38 -5.55
C SER A 21 4.27 -5.05 -4.54
N ASP A 22 3.82 -6.16 -3.93
CA ASP A 22 4.55 -6.87 -2.85
C ASP A 22 5.10 -5.91 -1.77
N ILE A 23 4.26 -4.94 -1.36
CA ILE A 23 4.63 -3.91 -0.38
C ILE A 23 4.98 -4.56 0.97
N HIS A 24 6.12 -4.18 1.55
CA HIS A 24 6.62 -4.65 2.85
C HIS A 24 6.51 -3.57 3.93
N GLU A 25 6.77 -3.92 5.19
CA GLU A 25 6.72 -3.01 6.34
C GLU A 25 7.63 -1.78 6.12
N GLY A 26 7.03 -0.58 6.23
CA GLY A 26 7.70 0.71 6.05
C GLY A 26 7.42 1.37 4.68
N GLU A 27 7.08 0.58 3.65
CA GLU A 27 6.63 1.10 2.34
C GLU A 27 5.14 1.54 2.39
N PRO A 28 4.75 2.51 1.54
CA PRO A 28 3.40 3.09 1.56
C PRO A 28 2.34 2.07 1.10
N GLY A 29 1.31 1.89 1.93
CA GLY A 29 0.18 0.99 1.66
C GLY A 29 0.19 -0.31 2.46
N TYR A 30 1.29 -0.63 3.18
CA TYR A 30 1.38 -1.79 4.08
C TYR A 30 0.25 -1.84 5.13
N SER A 31 -0.26 -0.68 5.53
CA SER A 31 -1.21 -0.53 6.64
C SER A 31 -2.63 -1.01 6.30
N ALA A 32 -3.44 -1.25 7.35
CA ALA A 32 -4.85 -1.64 7.24
C ALA A 32 -5.73 -0.65 6.44
N LYS A 33 -5.30 0.61 6.32
CA LYS A 33 -5.92 1.65 5.46
C LYS A 33 -5.97 1.30 3.97
N LEU A 34 -5.12 0.38 3.51
CA LEU A 34 -5.05 -0.11 2.12
C LEU A 34 -5.36 -1.61 2.05
N ASP A 35 -4.70 -2.40 2.89
CA ASP A 35 -4.80 -3.86 2.87
C ASP A 35 -5.98 -4.33 3.74
N ARG A 36 -7.14 -4.57 3.12
CA ARG A 36 -8.40 -4.93 3.82
C ARG A 36 -8.24 -6.12 4.75
N ASP A 37 -7.54 -7.14 4.25
CA ASP A 37 -7.20 -8.37 4.99
C ASP A 37 -6.07 -8.21 6.04
N HIS A 38 -5.34 -7.09 6.01
CA HIS A 38 -4.16 -6.72 6.83
C HIS A 38 -3.26 -7.91 7.26
N ASP A 39 -2.86 -8.73 6.29
CA ASP A 39 -1.94 -9.88 6.47
C ASP A 39 -0.44 -9.49 6.47
N GLY A 40 -0.12 -8.19 6.40
CA GLY A 40 1.25 -7.67 6.37
C GLY A 40 1.87 -7.62 4.97
N VAL A 41 1.07 -7.78 3.91
CA VAL A 41 1.47 -7.60 2.52
C VAL A 41 0.38 -6.86 1.78
N ALA A 42 0.72 -5.75 1.13
CA ALA A 42 -0.23 -4.95 0.36
C ALA A 42 0.06 -5.02 -1.14
N CYS A 43 -1.02 -5.02 -1.93
CA CYS A 43 -1.04 -5.19 -3.38
C CYS A 43 -0.15 -6.37 -3.84
N GLU A 44 -0.25 -7.49 -3.11
CA GLU A 44 0.48 -8.74 -3.34
C GLU A 44 0.36 -9.28 -4.78
N LEU A 45 1.46 -9.80 -5.33
CA LEU A 45 1.57 -10.14 -6.76
C LEU A 45 2.37 -11.43 -7.03
N LYS A 46 3.22 -11.87 -6.09
CA LYS A 46 3.81 -13.21 -6.08
C LYS A 46 2.72 -14.28 -5.90
N ASN A 47 2.66 -15.24 -6.83
CA ASN A 47 1.71 -16.37 -6.85
C ASN A 47 2.44 -17.71 -7.16
CA CA B . -2.85 -8.54 2.04
N GLY A 1 0.01 21.02 16.09
CA GLY A 1 -0.46 19.67 16.49
C GLY A 1 0.38 18.58 15.83
N ALA A 2 0.11 18.28 14.56
CA ALA A 2 0.87 17.33 13.73
C ALA A 2 0.95 17.82 12.27
N SER A 3 2.12 17.63 11.64
CA SER A 3 2.39 17.99 10.23
C SER A 3 3.29 16.95 9.56
N GLU A 4 2.77 16.31 8.52
CA GLU A 4 3.42 15.26 7.73
C GLU A 4 2.72 15.09 6.36
N GLU A 5 3.34 14.34 5.44
CA GLU A 5 2.87 14.13 4.07
C GLU A 5 2.99 12.65 3.64
N ASN A 6 2.30 11.78 4.39
CA ASN A 6 2.16 10.36 4.08
C ASN A 6 1.49 10.10 2.71
N ILE A 7 1.61 8.86 2.22
CA ILE A 7 0.97 8.41 0.98
C ILE A 7 -0.39 7.78 1.32
N HIS A 8 -1.42 8.17 0.56
CA HIS A 8 -2.81 7.72 0.71
C HIS A 8 -3.34 7.24 -0.65
N PHE A 9 -3.43 5.93 -0.83
CA PHE A 9 -4.03 5.31 -2.03
C PHE A 9 -5.51 4.97 -1.76
N SER A 10 -6.38 5.36 -2.69
CA SER A 10 -7.82 5.04 -2.64
C SER A 10 -8.10 3.54 -2.83
N SER A 11 -7.25 2.85 -3.61
CA SER A 11 -7.26 1.39 -3.80
C SER A 11 -5.92 0.85 -4.31
N CYS A 12 -5.64 -0.43 -4.09
CA CYS A 12 -4.50 -1.14 -4.71
C CYS A 12 -4.52 -1.12 -6.26
N LYS A 13 -5.68 -0.97 -6.89
CA LYS A 13 -5.82 -0.86 -8.35
C LYS A 13 -5.03 0.31 -8.94
N GLU A 14 -5.02 1.45 -8.23
CA GLU A 14 -4.23 2.64 -8.59
C GLU A 14 -2.73 2.44 -8.33
N ALA A 15 -2.38 1.75 -7.24
CA ALA A 15 -1.01 1.40 -6.91
C ALA A 15 -0.37 0.47 -7.97
N TRP A 16 -1.07 -0.59 -8.38
CA TRP A 16 -0.62 -1.50 -9.45
C TRP A 16 -0.36 -0.80 -10.79
N ALA A 17 -1.15 0.22 -11.14
CA ALA A 17 -0.94 1.02 -12.34
C ALA A 17 0.40 1.81 -12.34
N ASN A 18 0.93 2.10 -11.14
CA ASN A 18 2.22 2.75 -10.89
C ASN A 18 3.36 1.73 -10.61
N GLY A 19 3.06 0.42 -10.61
CA GLY A 19 4.01 -0.66 -10.33
C GLY A 19 4.19 -1.01 -8.85
N TYR A 20 3.34 -0.47 -7.97
CA TYR A 20 3.38 -0.73 -6.52
C TYR A 20 2.76 -2.10 -6.23
N SER A 21 3.61 -3.13 -6.20
CA SER A 21 3.27 -4.53 -5.91
C SER A 21 4.19 -5.09 -4.82
N ASP A 22 3.76 -6.17 -4.16
CA ASP A 22 4.55 -6.88 -3.12
C ASP A 22 5.07 -5.95 -1.98
N ILE A 23 4.26 -4.95 -1.59
CA ILE A 23 4.60 -3.96 -0.55
C ILE A 23 4.95 -4.67 0.77
N HIS A 24 6.12 -4.34 1.33
CA HIS A 24 6.61 -4.83 2.64
C HIS A 24 6.52 -3.74 3.72
N GLU A 25 6.81 -4.12 4.97
CA GLU A 25 6.87 -3.18 6.10
C GLU A 25 7.75 -1.94 5.82
N GLY A 26 7.23 -0.76 6.15
CA GLY A 26 7.87 0.54 5.89
C GLY A 26 7.52 1.18 4.54
N GLU A 27 7.04 0.41 3.55
CA GLU A 27 6.57 0.95 2.26
C GLU A 27 5.12 1.48 2.34
N PRO A 28 4.74 2.44 1.47
CA PRO A 28 3.41 3.04 1.46
C PRO A 28 2.32 2.02 1.09
N GLY A 29 1.33 1.89 1.96
CA GLY A 29 0.18 0.99 1.77
C GLY A 29 0.27 -0.31 2.58
N TYR A 30 1.39 -0.60 3.25
CA TYR A 30 1.51 -1.73 4.17
C TYR A 30 0.47 -1.71 5.29
N SER A 31 0.00 -0.51 5.67
CA SER A 31 -0.98 -0.29 6.74
C SER A 31 -2.37 -0.82 6.37
N ALA A 32 -3.17 -1.17 7.39
CA ALA A 32 -4.57 -1.63 7.24
C ALA A 32 -5.49 -0.66 6.46
N LYS A 33 -5.11 0.63 6.37
CA LYS A 33 -5.72 1.70 5.56
C LYS A 33 -5.80 1.36 4.05
N LEU A 34 -4.92 0.50 3.56
CA LEU A 34 -4.86 0.02 2.17
C LEU A 34 -5.24 -1.46 2.05
N ASP A 35 -4.72 -2.28 2.97
CA ASP A 35 -4.87 -3.72 2.95
C ASP A 35 -5.98 -4.16 3.92
N ARG A 36 -7.20 -4.35 3.38
CA ARG A 36 -8.40 -4.75 4.15
C ARG A 36 -8.15 -5.93 5.11
N ASP A 37 -7.46 -6.95 4.61
CA ASP A 37 -7.10 -8.18 5.34
C ASP A 37 -5.92 -8.00 6.31
N HIS A 38 -5.22 -6.85 6.25
CA HIS A 38 -4.05 -6.44 7.05
C HIS A 38 -3.07 -7.57 7.40
N ASP A 39 -2.78 -8.42 6.42
CA ASP A 39 -1.90 -9.60 6.53
C ASP A 39 -0.39 -9.27 6.44
N GLY A 40 -0.03 -7.98 6.52
CA GLY A 40 1.35 -7.50 6.38
C GLY A 40 1.86 -7.45 4.93
N VAL A 41 0.95 -7.57 3.95
CA VAL A 41 1.27 -7.47 2.52
C VAL A 41 0.18 -6.71 1.80
N ALA A 42 0.58 -5.68 1.07
CA ALA A 42 -0.33 -4.86 0.28
C ALA A 42 -0.04 -5.01 -1.23
N CYS A 43 -1.12 -5.04 -2.01
CA CYS A 43 -1.14 -5.17 -3.46
C CYS A 43 -0.30 -6.39 -3.96
N GLU A 44 -0.46 -7.55 -3.31
CA GLU A 44 0.21 -8.82 -3.65
C GLU A 44 -0.20 -9.44 -5.02
N LEU A 45 0.74 -10.14 -5.68
CA LEU A 45 0.54 -10.85 -6.97
C LEU A 45 0.74 -12.38 -6.89
N LYS A 46 1.66 -12.87 -6.04
CA LYS A 46 1.94 -14.31 -5.87
C LYS A 46 0.77 -15.11 -5.27
N ASN A 47 0.10 -14.54 -4.27
CA ASN A 47 -0.98 -15.17 -3.50
C ASN A 47 -2.33 -14.40 -3.65
CA CA B . -3.01 -8.54 1.90
#